data_6P6J
#
_entry.id   6P6J
#
_cell.length_a   1.00
_cell.length_b   1.00
_cell.length_c   1.00
_cell.angle_alpha   90.00
_cell.angle_beta   90.00
_cell.angle_gamma   90.00
#
_symmetry.space_group_name_H-M   'P 1'
#
loop_
_entity.id
_entity.type
_entity.pdbx_description
1 polymer 'inner membrane ABC-transporter'
2 polymer 'ABC transporter protein'
3 non-polymer yersiniabactin
4 non-polymer 'FE (III) ION'
#
loop_
_entity_poly.entity_id
_entity_poly.type
_entity_poly.pdbx_seq_one_letter_code
_entity_poly.pdbx_strand_id
1 'polypeptide(L)'
;MSSQSSNTESLSRFPLWQVITPVRRKVILAMALAGLAALTSLGALLFLAWSLRDIRATPDAIPAWPLGGVIGCVVLTFVL
RLQAFNTSHYAAFHLENILRSRLARKALQLPPGVLQQMGSGSVAKVMLDDVKSLHIFVADSTPLYARAIIMPLATIVILF
WLDWRLAIATLGVLAFGSVVLVLARQRSENMAQRYHKAREQVSAAVIEFVQAMPVVRTFDSGSTSFLRYQRALEEWVDVL
KTWYRKAGFSARFSFSILNPLPTLFVLIWSGYGLLHYGSFDFIAWVAVLLLGSGMAEAVMPMMMLNNLVAQTRLSIQRIY
QVLAMPELSLPQSDQQPQEASITFEQVSFHYPQARTGAALQEVSFHVPAGQIVALVGPSGAGKSTVARLLLRYADPDKGH
IRIGGVDLRDMQTDTLMKQLSFVFQDNFLFADTIANNIRLGAPDTPLEAVIAAARVAQAHDFISALPEGYNTRVGERGVF
LSGGQRQRITIARALLQDRPILVLDEATAFADPENEAALIKALAAAMRGRTVIMVAHRLSMVTQADVILLFSDGQLREMG
NHTQLLAQGGLYQRLWQHYQQAQHWVPGGTQEEVVENERQ
;
A
2 'polypeptide(L)'
;MKDNNPADNLAWRVIWRQLISSVGSQARMLRRSMLALLLAAFMQGIAFACLYPIIDALLRGDAPQLLNWAMAFSVAAIVT
LVLRWYGLGFEYRGHLAQATHELRLRLGEQLRRVPLEKLQRGRAGEMNALLLGSVDENLNYVIAIANILLLTIVTPLTAS
LATLWIDWRLGLVMLLIFPLLVPFYYWRRPAMRRQMQTLGEAHQRLSGDIVEFAQGMMVLRTCGSDADKSRALLAHFNAL
ENLQTRTHRQGAGATMLIASVVELGLQVVVLSGIVWVVTGTLNLAFLIAAVAMIMRFAEPMAMFISYTSVVELIASALQR
IEQFMAIAPLPVAEQSEMPERYDIRFDNVSYRYEEGDGHALNHVSLTFPAASMSALVGASGAGKTTVTKLLMRYADPQQG
QISIGGVDIRRLTPEQLNSLISVVFQDVWLFDDTLLANIRIARPQATRQEVEEAARAAQCLEFISRLPQGWLTPMGEMGG
QLSGGERQRISIARALLKNAPVVILDEPTAALDIESELAVQKAIDNLVHNRTVIIIAHRLSTIAGAGNILVMEEGQVVEQ
GTHAQLLSHHGRYQALWQAQMAARVWRDDGGSASGEWVHE
;
B
#
loop_
_chem_comp.id
_chem_comp.type
_chem_comp.name
_chem_comp.formula
FE non-polymer 'FE (III) ION' 'Fe 3'
O34 non-polymer yersiniabactin 'C21 H27 N3 O4 S3'
#
# COMPACT_ATOMS: atom_id res chain seq x y z
N TRP A 17 23.31 0.55 9.58
CA TRP A 17 24.48 1.35 9.25
C TRP A 17 24.71 1.48 7.74
N GLN A 18 25.98 1.47 7.39
CA GLN A 18 26.46 1.26 6.04
C GLN A 18 26.91 -0.17 5.82
N VAL A 19 26.42 -1.11 6.62
CA VAL A 19 26.94 -2.47 6.60
C VAL A 19 26.43 -3.22 5.38
N ILE A 20 25.32 -2.75 4.79
CA ILE A 20 24.72 -3.45 3.66
C ILE A 20 25.36 -3.05 2.35
N THR A 21 26.52 -2.45 2.40
CA THR A 21 27.15 -2.07 1.15
C THR A 21 28.34 -2.99 0.87
N PRO A 22 28.19 -3.97 -0.03
CA PRO A 22 29.38 -4.65 -0.56
C PRO A 22 29.80 -4.04 -1.88
N VAL A 23 29.20 -2.90 -2.21
CA VAL A 23 29.43 -2.23 -3.48
C VAL A 23 30.20 -0.94 -3.19
N ARG A 24 30.83 -0.90 -2.00
CA ARG A 24 31.50 0.29 -1.50
C ARG A 24 32.69 0.72 -2.35
N ARG A 25 33.25 -0.18 -3.16
CA ARG A 25 34.25 0.22 -4.13
C ARG A 25 33.65 1.13 -5.20
N LYS A 26 32.37 0.96 -5.51
CA LYS A 26 31.72 1.77 -6.51
C LYS A 26 30.76 2.80 -5.90
N VAL A 27 30.81 3.00 -4.59
CA VAL A 27 30.11 4.10 -3.97
C VAL A 27 31.11 5.11 -3.40
N ILE A 28 32.25 4.62 -2.91
CA ILE A 28 33.35 5.50 -2.51
C ILE A 28 33.88 6.21 -3.75
N LEU A 29 33.85 5.51 -4.89
CA LEU A 29 34.24 6.14 -6.15
C LEU A 29 33.29 7.26 -6.55
N ALA A 30 31.98 7.02 -6.42
CA ALA A 30 31.03 8.08 -6.76
C ALA A 30 31.06 9.20 -5.74
N MET A 31 31.36 8.89 -4.50
CA MET A 31 31.53 9.90 -3.45
C MET A 31 32.70 10.81 -3.76
N ALA A 32 33.85 10.23 -4.10
CA ALA A 32 35.03 11.03 -4.40
C ALA A 32 34.88 11.77 -5.72
N LEU A 33 34.14 11.20 -6.68
CA LEU A 33 33.89 11.92 -7.92
C LEU A 33 33.00 13.12 -7.71
N ALA A 34 31.95 12.99 -6.89
CA ALA A 34 31.12 14.15 -6.61
C ALA A 34 31.86 15.18 -5.77
N GLY A 35 32.75 14.73 -4.89
CA GLY A 35 33.57 15.66 -4.13
C GLY A 35 34.51 16.46 -5.00
N LEU A 36 35.17 15.79 -5.95
CA LEU A 36 36.04 16.51 -6.87
C LEU A 36 35.24 17.36 -7.84
N ALA A 37 34.00 16.97 -8.16
CA ALA A 37 33.17 17.80 -9.01
C ALA A 37 32.79 19.10 -8.31
N ALA A 38 32.46 19.00 -7.03
CA ALA A 38 32.17 20.20 -6.25
C ALA A 38 33.42 21.06 -6.07
N LEU A 39 34.58 20.41 -5.93
CA LEU A 39 35.81 21.15 -5.76
C LEU A 39 36.20 21.88 -7.05
N THR A 40 35.94 21.26 -8.21
CA THR A 40 36.20 21.98 -9.45
C THR A 40 35.14 23.03 -9.76
N SER A 41 33.93 22.89 -9.23
CA SER A 41 32.97 23.98 -9.38
C SER A 41 33.39 25.19 -8.56
N LEU A 42 33.91 24.95 -7.36
CA LEU A 42 34.54 26.00 -6.59
C LEU A 42 35.74 26.60 -7.32
N GLY A 43 36.49 25.75 -8.03
CA GLY A 43 37.57 26.25 -8.85
C GLY A 43 37.09 27.08 -10.01
N ALA A 44 35.91 26.77 -10.56
CA ALA A 44 35.34 27.56 -11.64
C ALA A 44 34.94 28.95 -11.15
N LEU A 45 34.35 29.01 -9.95
CA LEU A 45 34.00 30.31 -9.39
C LEU A 45 35.24 31.12 -9.05
N LEU A 46 36.30 30.45 -8.58
CA LEU A 46 37.55 31.14 -8.29
C LEU A 46 38.20 31.66 -9.57
N PHE A 47 38.14 30.89 -10.65
CA PHE A 47 38.63 31.38 -11.93
C PHE A 47 37.78 32.51 -12.47
N LEU A 48 36.49 32.53 -12.15
CA LEU A 48 35.67 33.68 -12.55
C LEU A 48 36.10 34.93 -11.81
N ALA A 49 36.44 34.80 -10.53
CA ALA A 49 37.01 35.93 -9.80
C ALA A 49 38.35 36.38 -10.39
N TRP A 50 39.16 35.41 -10.83
CA TRP A 50 40.42 35.72 -11.49
C TRP A 50 40.22 36.47 -12.79
N SER A 51 39.24 36.04 -13.59
CA SER A 51 38.98 36.70 -14.86
C SER A 51 38.39 38.09 -14.67
N LEU A 52 37.59 38.28 -13.62
CA LEU A 52 37.09 39.62 -13.35
C LEU A 52 38.19 40.55 -12.86
N ARG A 53 39.14 40.02 -12.09
CA ARG A 53 40.29 40.85 -11.71
C ARG A 53 41.13 41.22 -12.92
N ASP A 54 41.31 40.28 -13.86
CA ASP A 54 42.10 40.60 -15.06
C ASP A 54 41.35 41.57 -15.98
N ILE A 55 40.02 41.52 -15.98
CA ILE A 55 39.26 42.44 -16.84
C ILE A 55 39.07 43.79 -16.18
N ARG A 56 39.24 43.90 -14.86
CA ARG A 56 39.22 45.20 -14.21
C ARG A 56 40.59 45.86 -14.25
N ALA A 57 41.66 45.08 -14.18
CA ALA A 57 43.00 45.67 -14.22
C ALA A 57 43.34 46.27 -15.58
N THR A 58 42.94 45.61 -16.67
CA THR A 58 43.19 46.09 -18.03
C THR A 58 41.92 45.92 -18.86
N PRO A 59 40.99 46.85 -18.80
CA PRO A 59 39.67 46.66 -19.42
C PRO A 59 39.60 47.02 -20.90
N ASP A 60 40.58 46.59 -21.67
CA ASP A 60 40.54 46.79 -23.11
C ASP A 60 40.90 45.50 -23.83
N ALA A 61 41.62 44.64 -23.14
CA ALA A 61 42.01 43.35 -23.67
C ALA A 61 41.12 42.29 -23.05
N ILE A 62 40.49 41.48 -23.89
CA ILE A 62 39.62 40.40 -23.44
C ILE A 62 40.45 39.40 -22.65
N PRO A 63 40.01 38.99 -21.46
CA PRO A 63 40.78 38.00 -20.71
C PRO A 63 40.70 36.65 -21.40
N ALA A 64 41.84 36.04 -21.63
CA ALA A 64 41.89 34.87 -22.49
C ALA A 64 42.17 33.59 -21.74
N TRP A 65 43.26 33.51 -20.99
CA TRP A 65 43.57 32.27 -20.30
C TRP A 65 42.64 31.96 -19.13
N PRO A 66 42.38 32.85 -18.14
CA PRO A 66 41.56 32.39 -17.00
C PRO A 66 40.09 32.27 -17.36
N LEU A 67 39.66 32.84 -18.47
CA LEU A 67 38.30 32.58 -18.93
C LEU A 67 38.22 31.21 -19.60
N GLY A 68 39.29 30.83 -20.29
CA GLY A 68 39.42 29.44 -20.72
C GLY A 68 39.45 28.49 -19.55
N GLY A 69 40.05 28.92 -18.44
CA GLY A 69 40.00 28.17 -17.21
C GLY A 69 38.60 28.04 -16.66
N VAL A 70 37.78 29.09 -16.81
CA VAL A 70 36.40 29.09 -16.34
C VAL A 70 35.62 28.04 -17.11
N ILE A 71 35.69 28.10 -18.44
CA ILE A 71 34.90 27.17 -19.23
C ILE A 71 35.44 25.75 -19.11
N GLY A 72 36.76 25.61 -18.85
CA GLY A 72 37.32 24.29 -18.66
C GLY A 72 36.90 23.68 -17.33
N CYS A 73 36.91 24.46 -16.26
CA CYS A 73 36.46 23.93 -14.99
C CYS A 73 34.96 23.69 -14.97
N VAL A 74 34.19 24.44 -15.77
CA VAL A 74 32.75 24.18 -15.85
C VAL A 74 32.47 22.87 -16.57
N VAL A 75 33.14 22.64 -17.71
CA VAL A 75 32.88 21.38 -18.42
C VAL A 75 33.50 20.20 -17.67
N LEU A 76 34.56 20.43 -16.89
CA LEU A 76 35.10 19.37 -16.05
C LEU A 76 34.16 19.05 -14.90
N THR A 77 33.52 20.07 -14.32
CA THR A 77 32.56 19.85 -13.25
C THR A 77 31.34 19.10 -13.77
N PHE A 78 30.90 19.43 -14.98
CA PHE A 78 29.74 18.74 -15.54
C PHE A 78 30.05 17.29 -15.88
N VAL A 79 31.23 17.03 -16.46
CA VAL A 79 31.59 15.64 -16.77
C VAL A 79 31.80 14.83 -15.50
N LEU A 80 32.43 15.42 -14.48
CA LEU A 80 32.65 14.68 -13.24
C LEU A 80 31.35 14.44 -12.50
N ARG A 81 30.39 15.37 -12.55
CA ARG A 81 29.14 15.11 -11.85
C ARG A 81 28.28 14.11 -12.62
N LEU A 82 28.41 14.11 -13.95
CA LEU A 82 27.72 13.09 -14.75
C LEU A 82 28.27 11.70 -14.47
N GLN A 83 29.60 11.56 -14.41
CA GLN A 83 30.16 10.25 -14.09
C GLN A 83 29.89 9.87 -12.64
N ALA A 84 29.77 10.86 -11.75
CA ALA A 84 29.38 10.57 -10.38
C ALA A 84 27.98 10.00 -10.30
N PHE A 85 27.02 10.58 -11.04
CA PHE A 85 25.67 10.03 -11.01
C PHE A 85 25.59 8.69 -11.72
N ASN A 86 26.37 8.50 -12.79
CA ASN A 86 26.34 7.22 -13.50
C ASN A 86 26.90 6.09 -12.64
N THR A 87 28.02 6.35 -11.97
CA THR A 87 28.59 5.36 -11.06
C THR A 87 27.68 5.12 -9.85
N SER A 88 27.05 6.17 -9.33
CA SER A 88 26.16 5.98 -8.19
C SER A 88 24.91 5.19 -8.56
N HIS A 89 24.35 5.44 -9.73
CA HIS A 89 23.15 4.71 -10.11
C HIS A 89 23.44 3.27 -10.52
N TYR A 90 24.59 3.02 -11.15
CA TYR A 90 24.96 1.63 -11.43
C TYR A 90 25.25 0.88 -10.14
N ALA A 91 25.84 1.57 -9.16
CA ALA A 91 26.06 0.94 -7.87
C ALA A 91 24.76 0.68 -7.14
N ALA A 92 23.80 1.59 -7.27
CA ALA A 92 22.50 1.39 -6.62
C ALA A 92 21.74 0.24 -7.25
N PHE A 93 21.80 0.11 -8.58
CA PHE A 93 21.12 -0.99 -9.23
C PHE A 93 21.79 -2.33 -8.90
N HIS A 94 23.13 -2.33 -8.79
CA HIS A 94 23.81 -3.57 -8.43
C HIS A 94 23.52 -3.97 -7.00
N LEU A 95 23.42 -2.99 -6.10
CA LEU A 95 23.06 -3.30 -4.72
C LEU A 95 21.63 -3.80 -4.63
N GLU A 96 20.73 -3.22 -5.42
CA GLU A 96 19.34 -3.65 -5.44
C GLU A 96 19.20 -5.08 -5.96
N ASN A 97 19.91 -5.42 -7.03
CA ASN A 97 19.84 -6.79 -7.55
C ASN A 97 20.47 -7.79 -6.59
N ILE A 98 21.61 -7.46 -5.98
CA ILE A 98 22.25 -8.44 -5.11
C ILE A 98 21.47 -8.57 -3.80
N LEU A 99 20.76 -7.52 -3.40
CA LEU A 99 20.00 -7.62 -2.16
C LEU A 99 18.70 -8.38 -2.37
N ARG A 100 18.06 -8.19 -3.51
CA ARG A 100 16.90 -9.01 -3.81
C ARG A 100 17.28 -10.45 -4.10
N SER A 101 18.50 -10.69 -4.60
CA SER A 101 18.97 -12.05 -4.77
C SER A 101 19.19 -12.73 -3.42
N ARG A 102 19.81 -12.03 -2.47
CA ARG A 102 20.00 -12.62 -1.15
C ARG A 102 18.67 -12.80 -0.43
N LEU A 103 17.71 -11.92 -0.66
CA LEU A 103 16.38 -12.10 -0.10
C LEU A 103 15.68 -13.31 -0.68
N ALA A 104 15.80 -13.54 -1.99
CA ALA A 104 15.14 -14.69 -2.58
C ALA A 104 15.80 -16.00 -2.14
N ARG A 105 17.13 -16.02 -2.06
CA ARG A 105 17.82 -17.22 -1.59
C ARG A 105 17.57 -17.47 -0.12
N LYS A 106 17.29 -16.43 0.67
CA LYS A 106 16.89 -16.68 2.05
C LYS A 106 15.44 -17.13 2.15
N ALA A 107 14.54 -16.50 1.39
CA ALA A 107 13.12 -16.81 1.50
C ALA A 107 12.78 -18.14 0.85
N LEU A 108 13.71 -18.72 0.10
CA LEU A 108 13.55 -20.11 -0.32
C LEU A 108 13.56 -21.05 0.89
N GLN A 109 14.41 -20.77 1.87
CA GLN A 109 14.57 -21.66 3.02
C GLN A 109 13.86 -21.18 4.27
N LEU A 110 12.97 -20.20 4.16
CA LEU A 110 12.10 -19.88 5.28
C LEU A 110 11.14 -21.04 5.53
N PRO A 111 10.81 -21.34 6.78
CA PRO A 111 9.69 -22.23 7.07
C PRO A 111 8.41 -21.61 6.55
N PRO A 112 7.55 -22.38 5.90
CA PRO A 112 6.45 -21.78 5.14
C PRO A 112 5.36 -21.19 6.00
N GLY A 113 5.37 -21.42 7.31
CA GLY A 113 4.38 -20.77 8.16
C GLY A 113 4.61 -19.28 8.26
N VAL A 114 5.82 -18.88 8.67
CA VAL A 114 6.15 -17.47 8.81
C VAL A 114 6.21 -16.81 7.44
N LEU A 115 6.62 -17.56 6.42
CA LEU A 115 6.61 -17.02 5.06
C LEU A 115 5.20 -16.84 4.53
N GLN A 116 4.27 -17.70 4.93
CA GLN A 116 2.88 -17.52 4.54
C GLN A 116 2.25 -16.34 5.27
N GLN A 117 2.68 -16.11 6.52
CA GLN A 117 2.20 -14.93 7.25
C GLN A 117 2.71 -13.64 6.61
N MET A 118 3.99 -13.62 6.23
CA MET A 118 4.52 -12.44 5.55
C MET A 118 4.10 -12.38 4.09
N GLY A 119 3.53 -13.45 3.55
CA GLY A 119 3.04 -13.40 2.18
C GLY A 119 1.75 -12.62 2.04
N SER A 120 1.10 -12.33 3.17
CA SER A 120 -0.09 -11.50 3.14
C SER A 120 0.26 -10.05 2.78
N GLY A 121 1.13 -9.43 3.56
CA GLY A 121 1.46 -8.04 3.31
C GLY A 121 2.88 -7.62 3.60
N SER A 122 3.79 -8.57 3.85
CA SER A 122 5.11 -8.19 4.33
C SER A 122 6.28 -8.57 3.44
N VAL A 123 6.42 -9.82 2.99
CA VAL A 123 7.69 -10.21 2.36
C VAL A 123 7.77 -9.71 0.93
N ALA A 124 6.64 -9.62 0.23
CA ALA A 124 6.65 -8.97 -1.08
C ALA A 124 6.78 -7.47 -0.93
N LYS A 125 6.15 -6.91 0.11
CA LYS A 125 6.25 -5.48 0.36
C LYS A 125 7.67 -5.11 0.77
N VAL A 126 8.35 -5.97 1.53
CA VAL A 126 9.73 -5.63 1.88
C VAL A 126 10.64 -5.86 0.68
N MET A 127 10.43 -6.94 -0.09
CA MET A 127 11.25 -7.25 -1.25
C MET A 127 11.07 -6.26 -2.39
N LEU A 128 10.02 -5.45 -2.37
CA LEU A 128 9.93 -4.34 -3.31
C LEU A 128 10.35 -3.02 -2.69
N ASP A 129 9.68 -2.59 -1.61
CA ASP A 129 9.81 -1.21 -1.18
C ASP A 129 11.10 -0.97 -0.41
N ASP A 130 11.65 -2.01 0.24
CA ASP A 130 12.95 -1.86 0.89
C ASP A 130 14.04 -1.50 -0.11
N VAL A 131 14.17 -2.27 -1.18
CA VAL A 131 15.24 -2.03 -2.11
C VAL A 131 14.93 -0.82 -2.99
N LYS A 132 13.65 -0.46 -3.12
CA LYS A 132 13.35 0.78 -3.84
C LYS A 132 13.76 2.01 -3.03
N SER A 133 13.49 2.00 -1.72
CA SER A 133 13.94 3.10 -0.88
C SER A 133 15.46 3.10 -0.73
N LEU A 134 16.08 1.93 -0.81
CA LEU A 134 17.53 1.88 -0.80
C LEU A 134 18.12 2.47 -2.07
N HIS A 135 17.42 2.31 -3.20
CA HIS A 135 17.85 2.98 -4.43
C HIS A 135 17.73 4.49 -4.30
N ILE A 136 16.65 4.98 -3.70
CA ILE A 136 16.49 6.44 -3.62
C ILE A 136 17.41 7.02 -2.55
N PHE A 137 17.97 6.16 -1.68
CA PHE A 137 19.03 6.64 -0.81
C PHE A 137 20.38 6.65 -1.50
N VAL A 138 20.85 5.49 -1.95
CA VAL A 138 22.25 5.40 -2.35
C VAL A 138 22.43 5.79 -3.82
N ALA A 139 21.35 6.14 -4.52
CA ALA A 139 21.54 6.63 -5.88
C ALA A 139 21.56 8.14 -5.93
N ASP A 140 20.48 8.79 -5.54
CA ASP A 140 20.28 10.21 -5.79
C ASP A 140 20.63 11.07 -4.59
N SER A 141 21.25 10.50 -3.56
CA SER A 141 21.48 11.31 -2.37
C SER A 141 22.91 11.29 -1.85
N THR A 142 23.63 10.17 -1.98
CA THR A 142 24.98 10.19 -1.45
C THR A 142 26.02 11.01 -2.23
N PRO A 143 25.94 11.20 -3.58
CA PRO A 143 26.78 12.27 -4.17
C PRO A 143 26.41 13.65 -3.68
N LEU A 144 25.13 13.89 -3.41
CA LEU A 144 24.72 15.16 -2.81
C LEU A 144 25.27 15.32 -1.41
N TYR A 145 25.32 14.23 -0.64
CA TYR A 145 25.88 14.28 0.71
C TYR A 145 27.39 14.49 0.66
N ALA A 146 28.05 13.94 -0.36
CA ALA A 146 29.47 14.21 -0.56
C ALA A 146 29.72 15.66 -0.93
N ARG A 147 28.85 16.23 -1.78
CA ARG A 147 28.98 17.64 -2.15
C ARG A 147 28.74 18.53 -0.93
N ALA A 148 27.76 18.16 -0.10
CA ALA A 148 27.46 18.90 1.12
C ALA A 148 28.53 18.75 2.19
N ILE A 149 29.38 17.74 2.11
CA ILE A 149 30.55 17.70 2.99
C ILE A 149 31.65 18.55 2.41
N ILE A 150 31.96 18.36 1.13
CA ILE A 150 33.18 18.90 0.53
C ILE A 150 33.10 20.41 0.34
N MET A 151 31.97 20.93 -0.15
CA MET A 151 31.90 22.36 -0.46
C MET A 151 31.99 23.28 0.77
N PRO A 152 31.23 23.09 1.86
CA PRO A 152 31.45 23.99 3.01
C PRO A 152 32.62 23.62 3.88
N LEU A 153 33.48 22.68 3.47
CA LEU A 153 34.71 22.44 4.22
C LEU A 153 35.93 22.92 3.46
N ALA A 154 35.77 23.22 2.17
CA ALA A 154 36.80 23.88 1.38
C ALA A 154 36.50 25.34 1.12
N THR A 155 35.22 25.70 1.08
CA THR A 155 34.87 27.09 0.83
C THR A 155 35.17 27.95 2.04
N ILE A 156 35.28 27.35 3.23
CA ILE A 156 35.70 28.11 4.40
C ILE A 156 37.17 28.46 4.29
N VAL A 157 37.97 27.52 3.79
CA VAL A 157 39.40 27.77 3.60
C VAL A 157 39.62 28.82 2.51
N ILE A 158 38.84 28.72 1.42
CA ILE A 158 38.97 29.69 0.33
C ILE A 158 38.51 31.08 0.79
N LEU A 159 37.41 31.14 1.54
CA LEU A 159 36.92 32.40 2.06
C LEU A 159 37.88 33.03 3.06
N PHE A 160 38.56 32.20 3.86
CA PHE A 160 39.50 32.75 4.83
C PHE A 160 40.79 33.19 4.14
N TRP A 161 41.18 32.51 3.06
CA TRP A 161 42.36 32.93 2.33
C TRP A 161 42.11 34.22 1.57
N LEU A 162 40.88 34.40 1.07
CA LEU A 162 40.58 35.57 0.27
C LEU A 162 40.33 36.82 1.11
N ASP A 163 39.76 36.68 2.31
CA ASP A 163 39.65 37.84 3.19
C ASP A 163 39.59 37.39 4.64
N TRP A 164 40.42 38.02 5.47
CA TRP A 164 40.38 37.79 6.91
C TRP A 164 39.13 38.41 7.52
N ARG A 165 38.73 39.58 7.05
CA ARG A 165 37.68 40.35 7.72
C ARG A 165 36.30 40.01 7.18
N LEU A 166 36.21 39.54 5.95
CA LEU A 166 34.92 39.45 5.27
C LEU A 166 34.30 38.07 5.32
N ALA A 167 35.10 37.02 5.50
CA ALA A 167 34.56 35.67 5.59
C ALA A 167 33.78 35.45 6.88
N ILE A 168 34.10 36.27 7.89
CA ILE A 168 33.48 36.16 9.20
C ILE A 168 31.99 36.45 9.11
N ALA A 169 31.59 37.37 8.24
CA ALA A 169 30.18 37.73 8.12
C ALA A 169 29.36 36.62 7.48
N THR A 170 29.81 36.09 6.35
CA THR A 170 29.04 35.04 5.69
C THR A 170 29.11 33.73 6.47
N LEU A 171 30.24 33.45 7.12
CA LEU A 171 30.33 32.32 8.03
C LEU A 171 29.43 32.47 9.24
N GLY A 172 29.30 33.69 9.78
CA GLY A 172 28.44 33.89 10.92
C GLY A 172 26.98 33.75 10.56
N VAL A 173 26.60 34.19 9.37
CA VAL A 173 25.21 34.01 8.96
C VAL A 173 24.88 32.56 8.63
N LEU A 174 25.77 31.83 7.96
CA LEU A 174 25.53 30.40 7.76
C LEU A 174 25.57 29.58 9.04
N ALA A 175 26.46 29.91 9.98
CA ALA A 175 26.47 29.22 11.26
C ALA A 175 25.27 29.61 12.10
N PHE A 176 24.78 30.83 11.92
CA PHE A 176 23.55 31.28 12.57
C PHE A 176 22.35 30.48 12.08
N GLY A 177 22.22 30.31 10.76
CA GLY A 177 21.16 29.50 10.23
C GLY A 177 21.29 28.03 10.62
N SER A 178 22.53 27.56 10.72
CA SER A 178 22.77 26.19 11.15
C SER A 178 22.37 25.97 12.59
N VAL A 179 22.73 26.89 13.49
CA VAL A 179 22.42 26.68 14.90
C VAL A 179 20.93 26.90 15.14
N VAL A 180 20.28 27.75 14.34
CA VAL A 180 18.85 27.93 14.47
C VAL A 180 18.10 26.70 13.98
N LEU A 181 18.56 26.11 12.87
CA LEU A 181 17.90 24.91 12.35
C LEU A 181 18.14 23.70 13.26
N VAL A 182 19.34 23.61 13.85
CA VAL A 182 19.61 22.52 14.78
C VAL A 182 18.82 22.70 16.07
N LEU A 183 18.64 23.95 16.50
CA LEU A 183 17.81 24.21 17.67
C LEU A 183 16.34 23.91 17.38
N ALA A 184 15.91 24.11 16.14
CA ALA A 184 14.54 23.76 15.78
C ALA A 184 14.37 22.26 15.66
N ARG A 185 15.41 21.56 15.22
CA ARG A 185 15.36 20.10 15.15
C ARG A 185 15.40 19.48 16.54
N GLN A 186 16.11 20.11 17.46
CA GLN A 186 16.25 19.58 18.81
C GLN A 186 14.98 19.73 19.63
N ARG A 187 14.14 20.71 19.30
CA ARG A 187 12.88 20.84 20.01
C ARG A 187 11.83 19.86 19.51
N SER A 188 12.03 19.26 18.33
CA SER A 188 11.03 18.36 17.78
C SER A 188 11.45 16.90 17.93
N GLU A 189 12.43 16.64 18.79
CA GLU A 189 13.12 15.35 18.92
C GLU A 189 12.20 14.19 19.26
N ASN A 190 11.18 14.45 20.07
CA ASN A 190 10.18 13.45 20.41
C ASN A 190 8.90 13.66 19.63
N MET A 191 8.65 14.89 19.20
CA MET A 191 7.37 15.21 18.58
C MET A 191 7.32 14.66 17.16
N ALA A 192 8.47 14.46 16.52
CA ALA A 192 8.48 13.78 15.23
C ALA A 192 8.08 12.31 15.38
N GLN A 193 8.55 11.66 16.43
CA GLN A 193 8.16 10.28 16.71
C GLN A 193 6.68 10.20 17.09
N ARG A 194 6.19 11.19 17.85
CA ARG A 194 4.77 11.25 18.18
C ARG A 194 3.93 11.47 16.92
N TYR A 195 4.45 12.25 15.97
CA TYR A 195 3.72 12.47 14.72
C TYR A 195 3.69 11.20 13.89
N HIS A 196 4.79 10.44 13.86
CA HIS A 196 4.79 9.20 13.12
C HIS A 196 3.88 8.16 13.78
N LYS A 197 3.82 8.17 15.11
CA LYS A 197 2.92 7.29 15.84
C LYS A 197 1.46 7.64 15.56
N ALA A 198 1.15 8.93 15.55
CA ALA A 198 -0.20 9.37 15.23
C ALA A 198 -0.55 9.05 13.78
N ARG A 199 0.44 9.12 12.88
CA ARG A 199 0.17 8.83 11.48
C ARG A 199 -0.09 7.34 11.26
N GLU A 200 0.68 6.48 11.93
CA GLU A 200 0.45 5.06 11.76
C GLU A 200 -0.85 4.63 12.43
N GLN A 201 -1.20 5.25 13.57
CA GLN A 201 -2.47 4.96 14.23
C GLN A 201 -3.65 5.44 13.39
N VAL A 202 -3.53 6.61 12.78
CA VAL A 202 -4.66 7.13 12.02
C VAL A 202 -4.75 6.44 10.67
N SER A 203 -3.63 5.92 10.14
CA SER A 203 -3.74 5.14 8.92
C SER A 203 -4.33 3.77 9.20
N ALA A 204 -4.08 3.23 10.40
CA ALA A 204 -4.75 2.01 10.82
C ALA A 204 -6.24 2.22 10.98
N ALA A 205 -6.63 3.39 11.51
CA ALA A 205 -8.04 3.73 11.62
C ALA A 205 -8.67 3.91 10.25
N VAL A 206 -7.92 4.46 9.29
CA VAL A 206 -8.42 4.57 7.92
C VAL A 206 -8.58 3.19 7.30
N ILE A 207 -7.63 2.28 7.54
CA ILE A 207 -7.71 0.91 7.06
C ILE A 207 -8.98 0.24 7.56
N GLU A 208 -9.21 0.30 8.88
CA GLU A 208 -10.37 -0.38 9.44
C GLU A 208 -11.67 0.33 9.04
N PHE A 209 -11.60 1.63 8.76
CA PHE A 209 -12.80 2.34 8.34
C PHE A 209 -13.23 1.99 6.92
N VAL A 210 -12.26 1.93 5.99
CA VAL A 210 -12.61 1.57 4.62
C VAL A 210 -12.98 0.09 4.52
N GLN A 211 -12.40 -0.75 5.39
CA GLN A 211 -12.88 -2.13 5.45
C GLN A 211 -14.24 -2.21 6.15
N ALA A 212 -14.56 -1.21 6.98
CA ALA A 212 -15.78 -1.24 7.76
C ALA A 212 -16.99 -0.72 7.02
N MET A 213 -16.77 0.09 5.96
CA MET A 213 -17.85 0.82 5.31
C MET A 213 -19.07 -0.01 4.86
N PRO A 214 -18.93 -1.20 4.20
CA PRO A 214 -20.16 -1.94 3.83
C PRO A 214 -20.97 -2.45 5.02
N VAL A 215 -20.29 -3.03 6.00
CA VAL A 215 -21.01 -3.66 7.11
C VAL A 215 -21.57 -2.61 8.06
N VAL A 216 -20.88 -1.47 8.20
CA VAL A 216 -21.43 -0.44 9.08
C VAL A 216 -22.46 0.38 8.33
N ARG A 217 -22.45 0.30 7.00
CA ARG A 217 -23.52 0.88 6.22
C ARG A 217 -24.80 0.09 6.39
N THR A 218 -24.69 -1.25 6.36
CA THR A 218 -25.91 -2.04 6.42
C THR A 218 -26.38 -2.29 7.85
N PHE A 219 -25.54 -2.04 8.86
CA PHE A 219 -25.98 -2.32 10.22
C PHE A 219 -26.52 -1.06 10.91
N ASP A 220 -25.98 0.11 10.59
CA ASP A 220 -26.54 1.35 11.10
C ASP A 220 -26.25 2.44 10.07
N SER A 221 -26.33 3.70 10.50
CA SER A 221 -26.02 4.83 9.65
C SER A 221 -24.52 4.90 9.36
N GLY A 222 -23.72 4.24 10.19
CA GLY A 222 -22.28 4.36 10.14
C GLY A 222 -21.72 5.25 11.21
N SER A 223 -22.58 5.77 12.11
CA SER A 223 -22.20 6.84 13.02
C SER A 223 -21.17 6.39 14.05
N THR A 224 -21.24 5.14 14.48
CA THR A 224 -20.30 4.65 15.48
C THR A 224 -18.91 4.50 14.89
N SER A 225 -18.81 3.90 13.69
CA SER A 225 -17.50 3.78 13.05
C SER A 225 -17.00 5.13 12.56
N PHE A 226 -17.91 6.02 12.16
CA PHE A 226 -17.48 7.35 11.73
C PHE A 226 -16.95 8.16 12.90
N LEU A 227 -17.56 8.00 14.08
CA LEU A 227 -17.02 8.66 15.26
C LEU A 227 -15.70 8.03 15.69
N ARG A 228 -15.57 6.71 15.55
CA ARG A 228 -14.34 6.04 15.94
C ARG A 228 -13.19 6.36 15.00
N TYR A 229 -13.49 6.77 13.77
CA TYR A 229 -12.50 7.27 12.84
C TYR A 229 -12.23 8.75 12.99
N GLN A 230 -13.28 9.55 13.24
CA GLN A 230 -13.13 10.99 13.41
C GLN A 230 -12.35 11.33 14.67
N ARG A 231 -12.45 10.50 15.71
CA ARG A 231 -11.69 10.78 16.92
C ARG A 231 -10.21 10.55 16.72
N ALA A 232 -9.83 9.49 16.00
CA ALA A 232 -8.41 9.28 15.68
C ALA A 232 -7.90 10.33 14.73
N LEU A 233 -8.75 10.78 13.81
CA LEU A 233 -8.38 11.86 12.90
C LEU A 233 -8.14 13.15 13.65
N GLU A 234 -9.02 13.48 14.60
CA GLU A 234 -8.86 14.71 15.37
C GLU A 234 -7.67 14.62 16.31
N GLU A 235 -7.33 13.42 16.79
CA GLU A 235 -6.12 13.25 17.58
C GLU A 235 -4.89 13.54 16.73
N TRP A 236 -4.86 13.00 15.50
CA TRP A 236 -3.76 13.31 14.59
C TRP A 236 -3.69 14.78 14.21
N VAL A 237 -4.84 15.43 14.10
CA VAL A 237 -4.90 16.84 13.74
C VAL A 237 -4.34 17.69 14.88
N ASP A 238 -4.71 17.36 16.11
CA ASP A 238 -4.19 18.10 17.26
C ASP A 238 -2.69 17.88 17.43
N VAL A 239 -2.21 16.66 17.16
CA VAL A 239 -0.78 16.39 17.22
C VAL A 239 -0.03 17.20 16.16
N LEU A 240 -0.52 17.20 14.93
CA LEU A 240 0.13 17.94 13.86
C LEU A 240 0.09 19.43 14.09
N LYS A 241 -1.02 19.93 14.65
CA LYS A 241 -1.14 21.37 14.86
C LYS A 241 -0.24 21.85 15.99
N THR A 242 -0.13 21.07 17.07
CA THR A 242 0.76 21.52 18.13
C THR A 242 2.22 21.32 17.74
N TRP A 243 2.51 20.35 16.85
CA TRP A 243 3.87 20.22 16.35
C TRP A 243 4.22 21.38 15.43
N TYR A 244 3.28 21.80 14.58
CA TYR A 244 3.51 22.93 13.70
C TYR A 244 3.69 24.22 14.48
N ARG A 245 2.94 24.42 15.55
CA ARG A 245 3.13 25.61 16.37
C ARG A 245 4.52 25.61 17.03
N LYS A 246 4.79 24.53 17.80
CA LYS A 246 5.97 24.49 18.65
C LYS A 246 7.26 24.41 17.84
N ALA A 247 7.18 23.90 16.61
CA ALA A 247 8.37 23.90 15.76
C ALA A 247 8.40 25.10 14.83
N GLY A 248 7.23 25.61 14.44
CA GLY A 248 7.18 26.55 13.34
C GLY A 248 7.55 27.96 13.75
N PHE A 249 7.33 28.30 15.03
CA PHE A 249 7.73 29.63 15.51
C PHE A 249 9.26 29.82 15.48
N SER A 250 10.03 28.75 15.30
CA SER A 250 11.45 28.87 15.00
C SER A 250 11.78 28.41 13.58
N ALA A 251 10.95 27.55 13.00
CA ALA A 251 11.27 26.98 11.70
C ALA A 251 11.04 27.98 10.58
N ARG A 252 10.08 28.89 10.75
CA ARG A 252 9.93 29.98 9.78
C ARG A 252 11.16 30.87 9.76
N PHE A 253 11.72 31.13 10.95
CA PHE A 253 12.96 31.90 11.07
C PHE A 253 14.15 31.16 10.45
N SER A 254 14.20 29.84 10.61
CA SER A 254 15.26 29.07 9.99
C SER A 254 15.15 29.06 8.46
N PHE A 255 13.94 28.91 7.95
CA PHE A 255 13.74 28.94 6.50
C PHE A 255 13.92 30.31 5.90
N SER A 256 13.72 31.37 6.66
CA SER A 256 13.88 32.72 6.15
C SER A 256 15.27 33.28 6.34
N ILE A 257 16.09 32.68 7.20
CA ILE A 257 17.46 33.12 7.36
C ILE A 257 18.44 32.30 6.53
N LEU A 258 18.01 31.16 5.98
CA LEU A 258 18.83 30.44 5.02
C LEU A 258 18.62 30.91 3.59
N ASN A 259 17.78 31.92 3.38
CA ASN A 259 17.64 32.52 2.07
C ASN A 259 18.94 33.25 1.71
N PRO A 260 19.19 33.49 0.42
CA PRO A 260 20.36 34.29 0.04
C PRO A 260 20.27 35.76 0.43
N LEU A 261 19.08 36.21 0.84
CA LEU A 261 18.90 37.63 1.08
C LEU A 261 19.50 38.13 2.40
N PRO A 262 19.44 37.42 3.53
CA PRO A 262 20.19 37.92 4.70
C PRO A 262 21.70 37.81 4.54
N THR A 263 22.19 36.82 3.79
CA THR A 263 23.62 36.78 3.48
C THR A 263 24.01 37.98 2.64
N LEU A 264 23.15 38.36 1.69
CA LEU A 264 23.40 39.59 0.94
C LEU A 264 23.31 40.82 1.84
N PHE A 265 22.39 40.81 2.80
CA PHE A 265 22.24 41.99 3.64
C PHE A 265 23.40 42.18 4.58
N VAL A 266 24.01 41.10 5.04
CA VAL A 266 25.20 41.29 5.87
C VAL A 266 26.40 41.62 4.98
N LEU A 267 26.39 41.13 3.73
CA LEU A 267 27.56 41.32 2.88
C LEU A 267 27.64 42.75 2.36
N ILE A 268 26.49 43.34 2.00
CA ILE A 268 26.48 44.72 1.49
C ILE A 268 26.93 45.69 2.57
N TRP A 269 26.36 45.55 3.77
CA TRP A 269 26.70 46.48 4.84
C TRP A 269 28.09 46.21 5.38
N SER A 270 28.58 44.98 5.26
CA SER A 270 29.97 44.74 5.65
C SER A 270 30.92 45.36 4.63
N GLY A 271 30.51 45.37 3.36
CA GLY A 271 31.29 46.10 2.36
C GLY A 271 31.29 47.59 2.62
N TYR A 272 30.16 48.13 3.06
CA TYR A 272 30.09 49.55 3.40
C TYR A 272 30.95 49.87 4.61
N GLY A 273 30.94 49.00 5.62
CA GLY A 273 31.77 49.23 6.78
C GLY A 273 33.25 49.05 6.50
N LEU A 274 33.57 48.24 5.51
CA LEU A 274 34.95 48.16 5.07
C LEU A 274 35.36 49.35 4.22
N LEU A 275 34.43 49.93 3.47
CA LEU A 275 34.78 51.07 2.62
C LEU A 275 34.85 52.36 3.44
N HIS A 276 34.17 52.37 4.59
CA HIS A 276 34.02 53.62 5.33
C HIS A 276 35.32 54.09 5.96
N TYR A 277 36.08 53.17 6.56
CA TYR A 277 37.37 53.53 7.13
C TYR A 277 38.52 52.82 6.42
N GLY A 278 38.41 52.70 5.10
CA GLY A 278 39.52 52.26 4.29
C GLY A 278 39.82 50.78 4.39
N SER A 279 40.81 50.37 3.60
CA SER A 279 41.26 48.98 3.43
C SER A 279 40.12 48.10 2.93
N PHE A 280 39.67 48.40 1.71
CA PHE A 280 38.65 47.62 1.04
C PHE A 280 39.06 47.39 -0.40
N ASP A 281 39.03 46.13 -0.85
CA ASP A 281 39.43 45.76 -2.21
C ASP A 281 38.29 45.00 -2.86
N PHE A 282 37.85 45.52 -4.00
CA PHE A 282 36.62 45.10 -4.67
C PHE A 282 36.63 43.65 -5.14
N ILE A 283 37.80 43.19 -5.57
CA ILE A 283 37.90 41.83 -6.10
C ILE A 283 37.76 40.80 -4.98
N ALA A 284 38.33 41.10 -3.81
CA ALA A 284 38.17 40.23 -2.66
C ALA A 284 36.73 40.23 -2.17
N TRP A 285 36.00 41.31 -2.43
CA TRP A 285 34.59 41.34 -2.08
C TRP A 285 33.76 40.49 -3.02
N VAL A 286 33.97 40.63 -4.34
CA VAL A 286 33.17 39.83 -5.26
C VAL A 286 33.60 38.38 -5.29
N ALA A 287 34.74 38.03 -4.72
CA ALA A 287 35.03 36.61 -4.55
C ALA A 287 34.20 36.03 -3.41
N VAL A 288 34.07 36.78 -2.32
CA VAL A 288 33.30 36.39 -1.14
C VAL A 288 31.84 36.29 -1.52
N LEU A 289 31.41 37.18 -2.43
CA LEU A 289 30.05 37.15 -2.93
C LEU A 289 29.72 35.85 -3.66
N LEU A 290 30.58 35.44 -4.60
CA LEU A 290 30.26 34.25 -5.38
C LEU A 290 30.45 32.97 -4.55
N LEU A 291 31.46 32.92 -3.70
CA LEU A 291 31.65 31.71 -2.89
C LEU A 291 30.61 31.62 -1.78
N GLY A 292 30.27 32.77 -1.19
CA GLY A 292 29.20 32.79 -0.19
C GLY A 292 27.85 32.48 -0.81
N SER A 293 27.69 32.77 -2.10
CA SER A 293 26.55 32.22 -2.83
C SER A 293 26.63 30.71 -2.92
N GLY A 294 27.76 30.18 -3.36
CA GLY A 294 27.92 28.76 -3.61
C GLY A 294 27.88 27.87 -2.39
N MET A 295 27.99 28.41 -1.18
CA MET A 295 27.88 27.55 -0.01
C MET A 295 26.48 27.01 0.25
N ALA A 296 25.44 27.84 0.10
CA ALA A 296 24.13 27.51 0.65
C ALA A 296 23.41 26.41 -0.13
N GLU A 297 23.49 26.43 -1.46
CA GLU A 297 22.79 25.41 -2.24
C GLU A 297 23.51 24.07 -2.17
N ALA A 298 24.77 24.09 -1.76
CA ALA A 298 25.46 22.85 -1.47
C ALA A 298 25.08 22.33 -0.09
N VAL A 299 24.82 23.24 0.86
CA VAL A 299 24.61 22.78 2.24
C VAL A 299 23.13 22.46 2.49
N MET A 300 22.25 22.82 1.55
CA MET A 300 20.83 22.49 1.69
C MET A 300 20.51 20.98 1.63
N PRO A 301 21.16 20.16 0.78
CA PRO A 301 20.93 18.71 0.90
C PRO A 301 21.37 18.10 2.22
N MET A 302 22.19 18.79 3.02
CA MET A 302 22.36 18.37 4.39
C MET A 302 21.18 18.76 5.27
N MET A 303 20.34 19.70 4.83
CA MET A 303 19.10 19.94 5.57
C MET A 303 18.08 18.87 5.25
N MET A 304 18.12 18.30 4.05
CA MET A 304 17.17 17.21 3.74
C MET A 304 17.67 15.84 4.21
N LEU A 305 18.89 15.75 4.71
CA LEU A 305 19.58 14.47 4.80
C LEU A 305 19.08 13.63 5.96
N ASN A 306 18.79 14.24 7.11
CA ASN A 306 18.29 13.47 8.25
C ASN A 306 16.89 12.94 7.97
N ASN A 307 16.08 13.76 7.28
CA ASN A 307 14.75 13.37 6.84
C ASN A 307 14.81 12.13 5.95
N LEU A 308 15.81 12.06 5.07
CA LEU A 308 15.91 10.88 4.23
C LEU A 308 16.49 9.69 4.99
N VAL A 309 17.50 9.93 5.84
CA VAL A 309 18.26 8.82 6.39
C VAL A 309 17.50 8.14 7.52
N ALA A 310 16.47 8.81 8.08
CA ALA A 310 15.61 8.12 9.05
C ALA A 310 14.85 6.97 8.41
N GLN A 311 14.20 7.23 7.27
CA GLN A 311 13.46 6.18 6.58
C GLN A 311 14.40 5.14 5.99
N THR A 312 15.59 5.57 5.57
CA THR A 312 16.56 4.59 5.08
C THR A 312 17.05 3.67 6.20
N ARG A 313 17.23 4.21 7.41
CA ARG A 313 17.66 3.38 8.52
C ARG A 313 16.55 2.43 8.97
N LEU A 314 15.30 2.87 8.86
CA LEU A 314 14.17 1.98 9.10
C LEU A 314 14.15 0.83 8.10
N SER A 315 14.39 1.13 6.82
CA SER A 315 14.33 0.10 5.79
C SER A 315 15.48 -0.91 5.92
N ILE A 316 16.70 -0.42 6.19
CA ILE A 316 17.82 -1.35 6.39
C ILE A 316 17.63 -2.20 7.64
N GLN A 317 17.03 -1.67 8.70
CA GLN A 317 16.81 -2.51 9.87
C GLN A 317 15.73 -3.54 9.60
N ARG A 318 14.75 -3.19 8.77
CA ARG A 318 13.75 -4.17 8.33
C ARG A 318 14.38 -5.29 7.52
N ILE A 319 15.34 -4.96 6.66
CA ILE A 319 15.90 -6.02 5.83
C ILE A 319 16.90 -6.85 6.61
N TYR A 320 17.52 -6.28 7.65
CA TYR A 320 18.37 -7.11 8.49
C TYR A 320 17.52 -8.00 9.38
N GLN A 321 16.29 -7.57 9.68
CA GLN A 321 15.34 -8.46 10.33
C GLN A 321 14.98 -9.65 9.44
N VAL A 322 14.58 -9.38 8.20
CA VAL A 322 14.15 -10.46 7.30
C VAL A 322 15.29 -11.38 6.89
N LEU A 323 16.51 -10.86 6.74
CA LEU A 323 17.63 -11.68 6.33
C LEU A 323 18.13 -12.63 7.41
N ALA A 324 17.77 -12.39 8.67
CA ALA A 324 18.23 -13.23 9.77
C ALA A 324 17.13 -13.70 10.69
N MET A 325 15.87 -13.72 10.23
CA MET A 325 14.76 -14.07 11.12
C MET A 325 14.69 -15.54 11.53
N PRO A 326 14.54 -16.53 10.63
CA PRO A 326 13.99 -17.80 11.07
C PRO A 326 15.02 -18.72 11.70
N GLU A 327 14.56 -19.93 11.99
CA GLU A 327 15.40 -21.05 12.39
C GLU A 327 15.85 -21.88 11.19
N LEU A 328 15.26 -21.61 10.02
CA LEU A 328 15.55 -22.18 8.70
C LEU A 328 15.30 -23.68 8.63
N SER A 329 14.34 -24.21 9.38
CA SER A 329 13.75 -25.55 9.27
C SER A 329 14.72 -26.70 9.54
N LEU A 330 16.00 -26.45 9.90
CA LEU A 330 17.04 -27.45 10.16
C LEU A 330 17.20 -28.44 9.01
N PRO A 331 17.78 -28.04 7.89
CA PRO A 331 17.87 -28.95 6.75
C PRO A 331 18.88 -30.06 6.99
N GLN A 332 18.44 -31.29 6.73
CA GLN A 332 19.25 -32.48 6.94
C GLN A 332 18.98 -33.45 5.82
N SER A 333 20.01 -33.79 5.03
CA SER A 333 19.83 -34.62 3.84
C SER A 333 20.55 -35.96 4.03
N ASP A 334 20.85 -36.26 5.29
CA ASP A 334 21.77 -37.34 5.63
C ASP A 334 21.03 -38.65 5.91
N GLN A 335 20.17 -39.03 4.97
CA GLN A 335 19.39 -40.27 5.10
C GLN A 335 18.85 -40.67 3.73
N GLN A 336 18.32 -41.88 3.67
CA GLN A 336 17.79 -42.56 2.51
C GLN A 336 16.26 -42.56 2.56
N PRO A 337 15.58 -42.69 1.42
CA PRO A 337 14.11 -42.75 1.45
C PRO A 337 13.53 -44.13 1.71
N GLN A 338 12.64 -44.24 2.68
CA GLN A 338 11.82 -45.44 2.80
C GLN A 338 10.39 -45.10 2.40
N GLU A 339 9.47 -46.04 2.60
CA GLU A 339 8.16 -45.94 1.95
C GLU A 339 6.99 -46.26 2.87
N ALA A 340 5.90 -45.53 2.64
CA ALA A 340 4.50 -45.97 2.76
C ALA A 340 4.01 -45.99 4.20
N SER A 341 4.85 -45.80 5.20
CA SER A 341 4.31 -45.76 6.56
C SER A 341 4.21 -44.31 7.03
N ILE A 342 3.48 -44.10 8.13
CA ILE A 342 3.42 -42.80 8.77
C ILE A 342 3.23 -42.96 10.27
N THR A 343 4.14 -42.41 11.06
CA THR A 343 4.21 -42.66 12.49
C THR A 343 4.47 -41.38 13.25
N PHE A 344 3.58 -41.05 14.17
CA PHE A 344 3.78 -39.98 15.14
C PHE A 344 4.29 -40.59 16.43
N GLU A 345 5.35 -40.02 16.98
CA GLU A 345 6.04 -40.56 18.14
C GLU A 345 6.16 -39.46 19.19
N GLN A 346 5.11 -39.35 20.01
CA GLN A 346 5.05 -38.53 21.22
C GLN A 346 5.39 -37.07 20.95
N VAL A 347 4.89 -36.55 19.84
CA VAL A 347 5.37 -35.28 19.33
C VAL A 347 4.65 -34.14 20.02
N SER A 348 5.29 -32.97 20.03
CA SER A 348 4.82 -31.82 20.76
C SER A 348 5.22 -30.58 20.00
N PHE A 349 4.24 -29.73 19.71
CA PHE A 349 4.52 -28.54 18.94
C PHE A 349 3.43 -27.50 19.20
N HIS A 350 3.87 -26.29 19.49
CA HIS A 350 3.00 -25.14 19.59
C HIS A 350 3.55 -24.04 18.69
N TYR A 351 2.65 -23.22 18.18
CA TYR A 351 3.03 -22.19 17.24
C TYR A 351 3.72 -21.03 17.95
N PRO A 352 4.35 -20.13 17.19
CA PRO A 352 4.67 -18.82 17.75
C PRO A 352 3.43 -18.08 18.22
N GLN A 353 3.65 -17.15 19.15
CA GLN A 353 2.61 -16.53 19.99
C GLN A 353 1.64 -15.75 19.12
N ALA A 354 2.04 -15.25 17.95
CA ALA A 354 1.10 -14.64 17.01
C ALA A 354 1.03 -15.54 15.78
N ARG A 355 0.17 -16.56 15.84
CA ARG A 355 -0.06 -17.50 14.75
C ARG A 355 -1.36 -18.26 14.96
N THR A 356 -1.81 -18.88 13.88
CA THR A 356 -2.95 -19.80 13.96
C THR A 356 -2.49 -21.17 14.39
N GLY A 357 -3.42 -21.99 14.87
CA GLY A 357 -3.07 -23.32 15.31
C GLY A 357 -2.82 -23.33 16.79
N ALA A 358 -3.70 -23.97 17.58
CA ALA A 358 -3.60 -23.90 19.02
C ALA A 358 -2.35 -24.57 19.58
N ALA A 359 -2.29 -25.91 19.52
CA ALA A 359 -1.22 -26.68 20.14
C ALA A 359 -1.33 -28.14 19.73
N LEU A 360 -0.28 -28.89 20.01
CA LEU A 360 -0.31 -30.34 20.05
C LEU A 360 0.50 -30.88 21.22
N GLN A 361 -0.15 -31.27 22.32
CA GLN A 361 0.55 -31.67 23.55
C GLN A 361 1.32 -32.97 23.30
N GLU A 362 0.67 -34.10 23.06
CA GLU A 362 1.34 -35.38 22.92
C GLU A 362 0.48 -36.28 22.05
N VAL A 363 0.95 -36.55 20.83
CA VAL A 363 0.24 -37.50 19.98
C VAL A 363 1.22 -38.57 19.50
N SER A 364 0.76 -39.81 19.46
CA SER A 364 1.54 -40.91 18.91
C SER A 364 0.63 -41.96 18.30
N PHE A 365 0.83 -42.23 17.01
CA PHE A 365 -0.02 -43.17 16.29
C PHE A 365 0.69 -43.59 15.02
N HIS A 366 0.56 -44.87 14.68
CA HIS A 366 1.31 -45.46 13.58
C HIS A 366 0.35 -46.08 12.58
N VAL A 367 0.51 -45.73 11.31
CA VAL A 367 -0.37 -46.18 10.24
C VAL A 367 0.48 -46.87 9.18
N PRO A 368 0.18 -48.11 8.80
CA PRO A 368 0.95 -48.78 7.76
C PRO A 368 0.50 -48.37 6.37
N ALA A 369 1.02 -49.06 5.37
CA ALA A 369 0.70 -48.77 3.98
C ALA A 369 -0.73 -49.15 3.65
N GLY A 370 -1.41 -48.27 2.90
CA GLY A 370 -2.70 -48.59 2.36
C GLY A 370 -3.87 -48.37 3.29
N GLN A 371 -3.75 -47.52 4.29
CA GLN A 371 -4.85 -47.20 5.18
C GLN A 371 -5.24 -45.73 5.01
N ILE A 372 -6.54 -45.49 4.86
CA ILE A 372 -7.07 -44.14 4.73
C ILE A 372 -7.42 -43.63 6.12
N VAL A 373 -6.78 -42.55 6.53
CA VAL A 373 -6.86 -42.07 7.91
C VAL A 373 -7.62 -40.77 7.91
N ALA A 374 -8.71 -40.72 8.67
CA ALA A 374 -9.51 -39.52 8.81
C ALA A 374 -9.23 -38.90 10.17
N LEU A 375 -8.86 -37.63 10.17
CA LEU A 375 -8.78 -36.88 11.41
C LEU A 375 -10.02 -36.02 11.57
N VAL A 376 -10.75 -36.22 12.64
CA VAL A 376 -11.97 -35.48 12.90
C VAL A 376 -11.72 -34.59 14.12
N GLY A 377 -12.00 -33.30 13.98
CA GLY A 377 -11.75 -32.36 15.04
C GLY A 377 -12.78 -31.27 15.15
N PRO A 378 -13.18 -30.96 16.37
CA PRO A 378 -14.09 -29.83 16.57
C PRO A 378 -13.39 -28.48 16.54
N SER A 379 -12.06 -28.47 16.55
CA SER A 379 -11.35 -27.21 16.72
C SER A 379 -11.02 -26.48 15.44
N GLY A 380 -10.64 -27.18 14.37
CA GLY A 380 -10.10 -26.53 13.19
C GLY A 380 -8.63 -26.20 13.28
N ALA A 381 -8.03 -26.30 14.46
CA ALA A 381 -6.61 -26.07 14.69
C ALA A 381 -5.91 -27.30 15.27
N GLY A 382 -6.64 -28.13 16.01
CA GLY A 382 -6.06 -29.37 16.50
C GLY A 382 -5.82 -30.39 15.41
N LYS A 383 -6.65 -30.35 14.37
CA LYS A 383 -6.57 -31.26 13.24
C LYS A 383 -5.88 -30.68 12.01
N SER A 384 -5.58 -29.38 12.02
CA SER A 384 -4.85 -28.81 10.89
C SER A 384 -3.35 -28.81 11.16
N THR A 385 -2.97 -28.76 12.44
CA THR A 385 -1.57 -28.67 12.80
C THR A 385 -0.84 -29.96 12.47
N VAL A 386 -1.53 -31.09 12.55
CA VAL A 386 -0.94 -32.39 12.21
C VAL A 386 -0.62 -32.48 10.72
N ALA A 387 -1.52 -32.00 9.86
CA ALA A 387 -1.24 -32.06 8.42
C ALA A 387 -0.18 -31.04 8.03
N ARG A 388 -0.25 -29.85 8.61
CA ARG A 388 0.76 -28.84 8.32
C ARG A 388 2.14 -29.26 8.82
N LEU A 389 2.18 -30.00 9.93
CA LEU A 389 3.45 -30.43 10.48
C LEU A 389 4.00 -31.63 9.72
N LEU A 390 3.10 -32.46 9.16
CA LEU A 390 3.55 -33.51 8.26
C LEU A 390 4.13 -32.95 6.99
N LEU A 391 3.58 -31.84 6.48
CA LEU A 391 4.15 -31.21 5.30
C LEU A 391 5.32 -30.28 5.62
N ARG A 392 5.91 -30.39 6.82
CA ARG A 392 7.12 -29.65 7.22
C ARG A 392 6.95 -28.14 7.17
N TYR A 393 5.80 -27.66 7.65
CA TYR A 393 5.67 -26.23 7.90
C TYR A 393 6.63 -25.79 8.99
N ALA A 394 6.79 -26.59 10.02
CA ALA A 394 7.74 -26.32 11.09
C ALA A 394 8.27 -27.65 11.58
N ASP A 395 8.96 -27.61 12.69
CA ASP A 395 9.44 -28.86 13.25
C ASP A 395 8.91 -29.04 14.67
N PRO A 396 8.55 -30.26 15.05
CA PRO A 396 8.01 -30.47 16.39
C PRO A 396 9.12 -30.35 17.43
N ASP A 397 8.74 -29.94 18.64
CA ASP A 397 9.76 -29.70 19.66
C ASP A 397 10.32 -30.99 20.21
N LYS A 398 9.50 -31.79 20.87
CA LYS A 398 9.95 -33.03 21.51
C LYS A 398 9.11 -34.15 20.91
N GLY A 399 9.69 -34.87 19.96
CA GLY A 399 9.01 -36.00 19.35
C GLY A 399 9.62 -36.30 18.00
N HIS A 400 9.09 -37.36 17.37
CA HIS A 400 9.60 -37.78 16.06
C HIS A 400 8.44 -38.13 15.15
N ILE A 401 8.49 -37.65 13.91
CA ILE A 401 7.50 -38.03 12.90
C ILE A 401 8.24 -38.75 11.79
N ARG A 402 7.78 -39.95 11.46
CA ARG A 402 8.50 -40.82 10.55
C ARG A 402 7.61 -41.25 9.40
N ILE A 403 8.00 -40.91 8.18
CA ILE A 403 7.43 -41.55 7.01
C ILE A 403 8.25 -42.78 6.72
N GLY A 404 7.72 -43.95 7.02
CA GLY A 404 8.53 -45.14 6.97
C GLY A 404 9.29 -45.23 8.29
N GLY A 405 10.42 -45.94 8.30
CA GLY A 405 11.20 -46.00 9.52
C GLY A 405 11.97 -44.70 9.77
N VAL A 406 12.22 -43.94 8.71
CA VAL A 406 13.15 -42.83 8.77
C VAL A 406 12.44 -41.57 9.25
N ASP A 407 13.14 -40.80 10.08
CA ASP A 407 12.63 -39.54 10.58
C ASP A 407 12.57 -38.52 9.46
N LEU A 408 11.56 -37.65 9.50
CA LEU A 408 11.51 -36.61 8.49
C LEU A 408 12.41 -35.44 8.82
N ARG A 409 12.99 -35.40 10.02
CA ARG A 409 13.95 -34.35 10.32
C ARG A 409 15.21 -34.54 9.49
N ASP A 410 15.70 -35.78 9.40
CA ASP A 410 16.71 -36.13 8.42
C ASP A 410 16.07 -36.80 7.19
N MET A 411 15.54 -35.95 6.32
CA MET A 411 14.97 -36.42 5.05
C MET A 411 15.44 -35.44 3.99
N GLN A 412 15.92 -35.98 2.86
CA GLN A 412 16.34 -35.13 1.76
C GLN A 412 15.12 -34.46 1.15
N THR A 413 15.20 -33.13 1.01
CA THR A 413 14.03 -32.33 0.65
C THR A 413 13.51 -32.64 -0.74
N ASP A 414 14.33 -33.24 -1.60
CA ASP A 414 13.80 -33.83 -2.83
C ASP A 414 12.98 -35.06 -2.52
N THR A 415 13.48 -35.94 -1.64
CA THR A 415 12.80 -37.19 -1.37
C THR A 415 11.51 -36.98 -0.60
N LEU A 416 11.53 -36.05 0.36
CA LEU A 416 10.33 -35.75 1.15
C LEU A 416 9.22 -35.19 0.28
N MET A 417 9.57 -34.31 -0.64
CA MET A 417 8.56 -33.82 -1.56
C MET A 417 8.22 -34.83 -2.64
N LYS A 418 9.04 -35.86 -2.81
CA LYS A 418 8.61 -36.97 -3.65
C LYS A 418 7.65 -37.90 -2.90
N GLN A 419 7.69 -37.89 -1.57
CA GLN A 419 6.82 -38.81 -0.84
C GLN A 419 5.41 -38.25 -0.71
N LEU A 420 5.29 -37.00 -0.29
CA LEU A 420 4.00 -36.40 0.08
C LEU A 420 3.44 -35.66 -1.12
N SER A 421 2.13 -35.77 -1.33
CA SER A 421 1.43 -35.02 -2.36
C SER A 421 0.19 -34.40 -1.76
N PHE A 422 0.14 -33.09 -1.68
CA PHE A 422 -0.78 -32.45 -0.76
C PHE A 422 -1.84 -31.63 -1.49
N VAL A 423 -2.96 -31.44 -0.81
CA VAL A 423 -4.01 -30.48 -1.20
C VAL A 423 -4.48 -29.76 0.07
N PHE A 424 -5.03 -28.57 -0.10
CA PHE A 424 -5.47 -27.73 1.01
C PHE A 424 -6.71 -26.95 0.65
N GLN A 425 -7.01 -25.95 1.47
CA GLN A 425 -8.22 -25.17 1.32
C GLN A 425 -8.03 -24.03 0.33
N ASP A 426 -7.02 -23.19 0.54
CA ASP A 426 -6.87 -21.97 -0.24
C ASP A 426 -6.37 -22.24 -1.65
N ASN A 427 -5.35 -23.11 -1.78
CA ASN A 427 -4.97 -23.74 -3.03
C ASN A 427 -4.55 -22.81 -4.16
N PHE A 428 -3.39 -22.15 -4.03
CA PHE A 428 -2.91 -21.20 -5.02
C PHE A 428 -2.63 -21.86 -6.36
N LEU A 429 -2.83 -21.10 -7.44
CA LEU A 429 -2.57 -21.54 -8.81
C LEU A 429 -1.73 -20.50 -9.52
N PHE A 430 -0.87 -20.94 -10.43
CA PHE A 430 0.11 -20.06 -11.05
C PHE A 430 -0.36 -19.54 -12.40
N ALA A 431 0.50 -18.76 -13.05
CA ALA A 431 0.27 -18.32 -14.42
C ALA A 431 1.01 -19.21 -15.40
N ASP A 432 0.76 -20.51 -15.33
CA ASP A 432 1.35 -21.53 -16.20
C ASP A 432 0.21 -22.32 -16.80
N THR A 433 -0.67 -21.60 -17.49
CA THR A 433 -2.12 -21.51 -17.31
C THR A 433 -2.77 -22.79 -16.80
N ILE A 434 -2.80 -23.89 -17.56
CA ILE A 434 -3.41 -25.10 -17.05
C ILE A 434 -2.48 -26.28 -17.25
N ALA A 435 -2.07 -26.48 -18.51
CA ALA A 435 -1.28 -27.65 -18.88
C ALA A 435 0.12 -27.61 -18.31
N ASN A 436 0.60 -26.45 -17.88
CA ASN A 436 1.81 -26.43 -17.07
C ASN A 436 1.47 -26.18 -15.60
N ASN A 437 0.20 -25.89 -15.31
CA ASN A 437 -0.20 -25.70 -13.93
C ASN A 437 -0.61 -27.03 -13.31
N ILE A 438 -1.16 -27.93 -14.12
CA ILE A 438 -1.38 -29.30 -13.67
C ILE A 438 -0.05 -30.06 -13.66
N ARG A 439 0.74 -29.90 -14.71
CA ARG A 439 2.01 -30.61 -14.86
C ARG A 439 3.17 -29.84 -14.28
N LEU A 440 2.96 -29.09 -13.21
CA LEU A 440 4.01 -28.25 -12.63
C LEU A 440 5.09 -29.10 -11.96
N GLY A 441 4.76 -30.33 -11.59
CA GLY A 441 5.75 -31.19 -10.95
C GLY A 441 6.90 -31.57 -11.86
N ALA A 442 6.58 -32.12 -13.02
CA ALA A 442 7.61 -32.28 -14.02
C ALA A 442 7.94 -30.92 -14.62
N PRO A 443 9.19 -30.71 -15.03
CA PRO A 443 9.50 -29.46 -15.75
C PRO A 443 8.85 -29.40 -17.12
N ASP A 444 8.76 -30.54 -17.81
CA ASP A 444 8.14 -30.60 -19.13
C ASP A 444 6.73 -31.13 -18.99
N THR A 445 5.92 -30.92 -20.01
CA THR A 445 4.56 -31.44 -19.99
C THR A 445 4.40 -32.53 -21.03
N PRO A 446 4.37 -33.80 -20.64
CA PRO A 446 3.75 -34.81 -21.50
C PRO A 446 2.25 -34.57 -21.50
N LEU A 447 1.72 -34.09 -22.64
CA LEU A 447 0.42 -33.44 -22.62
C LEU A 447 -0.71 -34.43 -22.47
N GLU A 448 -0.59 -35.59 -23.11
CA GLU A 448 -1.65 -36.60 -23.07
C GLU A 448 -1.78 -37.20 -21.68
N ALA A 449 -0.68 -37.20 -20.92
CA ALA A 449 -0.75 -37.58 -19.51
C ALA A 449 -1.56 -36.57 -18.70
N VAL A 450 -1.47 -35.28 -19.06
CA VAL A 450 -2.27 -34.27 -18.39
C VAL A 450 -3.73 -34.39 -18.80
N ILE A 451 -3.98 -34.82 -20.05
CA ILE A 451 -5.34 -35.13 -20.48
C ILE A 451 -5.91 -36.28 -19.65
N ALA A 452 -5.13 -37.35 -19.46
CA ALA A 452 -5.61 -38.49 -18.69
C ALA A 452 -5.78 -38.16 -17.22
N ALA A 453 -4.92 -37.29 -16.68
CA ALA A 453 -5.03 -36.91 -15.28
C ALA A 453 -6.18 -35.92 -15.08
N ALA A 454 -6.56 -35.19 -16.12
CA ALA A 454 -7.73 -34.34 -16.01
C ALA A 454 -8.98 -35.07 -16.46
N ARG A 455 -8.84 -36.32 -16.89
CA ARG A 455 -10.03 -37.12 -17.21
C ARG A 455 -10.75 -37.58 -15.95
N VAL A 456 -10.14 -37.38 -14.77
CA VAL A 456 -10.84 -37.65 -13.53
C VAL A 456 -11.97 -36.64 -13.32
N ALA A 457 -12.82 -36.94 -12.34
CA ALA A 457 -14.29 -36.79 -12.29
C ALA A 457 -14.78 -35.53 -13.02
N GLN A 458 -14.30 -34.34 -12.69
CA GLN A 458 -14.81 -33.14 -13.33
C GLN A 458 -13.73 -32.09 -13.61
N ALA A 459 -12.52 -32.51 -13.93
CA ALA A 459 -11.56 -31.55 -14.47
C ALA A 459 -11.80 -31.32 -15.96
N HIS A 460 -12.16 -32.39 -16.68
CA HIS A 460 -12.16 -32.35 -18.14
C HIS A 460 -13.26 -31.47 -18.70
N ASP A 461 -14.46 -31.56 -18.12
CA ASP A 461 -15.57 -30.75 -18.64
C ASP A 461 -15.40 -29.28 -18.29
N PHE A 462 -14.85 -28.99 -17.10
CA PHE A 462 -14.60 -27.61 -16.71
C PHE A 462 -13.51 -26.98 -17.56
N ILE A 463 -12.52 -27.77 -17.98
CA ILE A 463 -11.48 -27.24 -18.83
C ILE A 463 -11.97 -27.09 -20.27
N SER A 464 -12.71 -28.09 -20.77
CA SER A 464 -13.14 -28.07 -22.17
C SER A 464 -14.23 -27.05 -22.42
N ALA A 465 -15.03 -26.71 -21.41
CA ALA A 465 -16.06 -25.69 -21.59
C ALA A 465 -15.50 -24.28 -21.54
N LEU A 466 -14.23 -24.12 -21.17
CA LEU A 466 -13.62 -22.80 -21.09
C LEU A 466 -13.40 -22.25 -22.50
N PRO A 467 -13.39 -20.93 -22.67
CA PRO A 467 -13.31 -20.36 -24.03
C PRO A 467 -11.99 -20.59 -24.75
N GLU A 468 -10.87 -20.63 -24.03
CA GLU A 468 -9.57 -20.73 -24.68
C GLU A 468 -8.96 -22.13 -24.54
N GLY A 469 -9.78 -23.12 -24.20
CA GLY A 469 -9.30 -24.49 -24.15
C GLY A 469 -8.39 -24.78 -22.97
N TYR A 470 -7.45 -25.69 -23.21
CA TYR A 470 -6.53 -26.12 -22.15
C TYR A 470 -5.48 -25.08 -21.84
N ASN A 471 -5.44 -23.98 -22.59
CA ASN A 471 -4.60 -22.85 -22.22
C ASN A 471 -5.40 -21.64 -21.82
N THR A 472 -6.60 -21.83 -21.24
CA THR A 472 -7.38 -20.73 -20.71
C THR A 472 -6.66 -20.13 -19.52
N ARG A 473 -6.37 -18.82 -19.60
CA ARG A 473 -5.47 -18.20 -18.65
C ARG A 473 -6.09 -18.09 -17.26
N VAL A 474 -5.39 -18.65 -16.28
CA VAL A 474 -5.90 -18.66 -14.91
C VAL A 474 -5.20 -17.57 -14.11
N GLY A 475 -3.90 -17.77 -13.87
CA GLY A 475 -2.97 -16.73 -13.46
C GLY A 475 -3.35 -15.84 -12.29
N GLU A 476 -2.77 -14.65 -12.31
CA GLU A 476 -3.17 -13.53 -11.48
C GLU A 476 -4.21 -12.66 -12.18
N ARG A 477 -4.23 -12.66 -13.52
CA ARG A 477 -5.18 -11.84 -14.25
C ARG A 477 -6.07 -12.65 -15.20
N GLY A 478 -6.65 -13.76 -14.76
CA GLY A 478 -7.52 -14.53 -15.61
C GLY A 478 -8.90 -14.79 -15.04
N VAL A 479 -9.32 -16.06 -15.09
CA VAL A 479 -10.67 -16.43 -14.68
C VAL A 479 -10.68 -16.66 -13.18
N PHE A 480 -11.84 -16.43 -12.55
CA PHE A 480 -12.02 -16.72 -11.12
C PHE A 480 -11.85 -18.19 -10.79
N LEU A 481 -12.16 -19.09 -11.72
CA LEU A 481 -12.17 -20.56 -11.60
C LEU A 481 -13.13 -21.06 -10.52
N SER A 482 -14.11 -20.25 -10.10
CA SER A 482 -15.24 -20.58 -9.21
C SER A 482 -14.85 -21.23 -7.89
N GLY A 483 -13.61 -21.09 -7.44
CA GLY A 483 -13.22 -21.67 -6.16
C GLY A 483 -12.97 -23.16 -6.19
N GLY A 484 -14.04 -23.95 -6.37
CA GLY A 484 -13.91 -25.39 -6.26
C GLY A 484 -13.16 -26.02 -7.42
N GLN A 485 -13.16 -25.36 -8.58
CA GLN A 485 -12.48 -25.93 -9.72
C GLN A 485 -10.96 -25.80 -9.58
N ARG A 486 -10.50 -24.82 -8.79
CA ARG A 486 -9.09 -24.77 -8.45
C ARG A 486 -8.69 -26.01 -7.65
N GLN A 487 -9.58 -26.43 -6.75
CA GLN A 487 -9.35 -27.65 -6.00
C GLN A 487 -9.39 -28.86 -6.90
N ARG A 488 -10.24 -28.84 -7.93
CA ARG A 488 -10.27 -29.95 -8.88
C ARG A 488 -8.99 -29.99 -9.73
N ILE A 489 -8.45 -28.81 -10.07
CA ILE A 489 -7.19 -28.72 -10.80
C ILE A 489 -6.05 -29.33 -9.99
N THR A 490 -5.96 -28.97 -8.72
CA THR A 490 -4.85 -29.52 -7.94
C THR A 490 -5.09 -30.98 -7.55
N ILE A 491 -6.35 -31.43 -7.58
CA ILE A 491 -6.61 -32.86 -7.46
C ILE A 491 -6.07 -33.60 -8.68
N ALA A 492 -6.25 -33.00 -9.87
CA ALA A 492 -5.66 -33.58 -11.08
C ALA A 492 -4.14 -33.59 -11.02
N ARG A 493 -3.54 -32.55 -10.43
CA ARG A 493 -2.09 -32.52 -10.28
C ARG A 493 -1.62 -33.61 -9.32
N ALA A 494 -2.30 -33.74 -8.18
CA ALA A 494 -1.92 -34.73 -7.18
C ALA A 494 -2.16 -36.15 -7.67
N LEU A 495 -3.06 -36.31 -8.64
CA LEU A 495 -3.26 -37.63 -9.23
C LEU A 495 -2.26 -37.86 -10.36
N LEU A 496 -1.74 -36.78 -10.94
CA LEU A 496 -0.69 -36.94 -11.95
C LEU A 496 0.63 -37.35 -11.31
N GLN A 497 0.97 -36.77 -10.17
CA GLN A 497 2.26 -37.05 -9.55
C GLN A 497 2.34 -38.43 -8.92
N ASP A 498 1.19 -38.99 -8.50
CA ASP A 498 1.01 -40.31 -7.86
C ASP A 498 2.06 -40.62 -6.79
N ARG A 499 2.36 -39.63 -5.96
CA ARG A 499 3.22 -39.84 -4.82
C ARG A 499 2.46 -40.65 -3.76
N PRO A 500 3.15 -41.48 -2.97
CA PRO A 500 2.43 -42.53 -2.23
C PRO A 500 1.59 -42.05 -1.04
N ILE A 501 1.91 -40.91 -0.42
CA ILE A 501 1.13 -40.41 0.69
C ILE A 501 0.45 -39.13 0.26
N LEU A 502 -0.88 -39.11 0.32
CA LEU A 502 -1.67 -37.97 -0.12
C LEU A 502 -2.34 -37.35 1.10
N VAL A 503 -2.22 -36.04 1.23
CA VAL A 503 -2.71 -35.33 2.41
C VAL A 503 -3.85 -34.41 1.99
N LEU A 504 -5.02 -34.62 2.58
CA LEU A 504 -6.23 -33.88 2.24
C LEU A 504 -6.49 -32.81 3.28
N ASP A 505 -7.29 -31.81 2.91
CA ASP A 505 -8.00 -30.95 3.84
C ASP A 505 -9.39 -30.55 3.37
N GLU A 506 -9.81 -30.97 2.17
CA GLU A 506 -10.96 -30.41 1.52
C GLU A 506 -12.09 -31.39 1.24
N ALA A 507 -12.24 -32.44 2.05
CA ALA A 507 -13.28 -33.43 1.78
C ALA A 507 -14.66 -32.83 1.98
N THR A 508 -15.33 -32.52 0.86
CA THR A 508 -16.51 -31.65 0.78
C THR A 508 -16.29 -30.34 1.54
N ALA A 509 -15.25 -29.60 1.15
CA ALA A 509 -14.99 -28.31 1.78
C ALA A 509 -15.99 -27.26 1.31
N PHE A 510 -16.27 -27.24 0.01
CA PHE A 510 -17.16 -26.22 -0.52
C PHE A 510 -18.47 -26.87 -0.97
N ALA A 511 -19.56 -26.41 -0.39
CA ALA A 511 -20.83 -27.14 -0.36
C ALA A 511 -21.68 -26.94 -1.62
N ASP A 512 -21.08 -26.59 -2.73
CA ASP A 512 -21.80 -26.62 -3.99
C ASP A 512 -22.14 -28.07 -4.32
N PRO A 513 -23.38 -28.39 -4.71
CA PRO A 513 -23.82 -29.79 -4.71
C PRO A 513 -23.19 -30.65 -5.80
N GLU A 514 -23.20 -30.18 -7.05
CA GLU A 514 -22.56 -30.96 -8.11
C GLU A 514 -21.04 -30.97 -7.92
N ASN A 515 -20.49 -29.90 -7.35
CA ASN A 515 -19.08 -29.89 -7.00
C ASN A 515 -18.79 -30.84 -5.85
N GLU A 516 -19.75 -31.05 -4.94
CA GLU A 516 -19.56 -32.04 -3.89
C GLU A 516 -19.52 -33.45 -4.47
N ALA A 517 -20.47 -33.79 -5.35
CA ALA A 517 -20.48 -35.12 -5.95
C ALA A 517 -19.24 -35.35 -6.81
N ALA A 518 -18.83 -34.31 -7.55
CA ALA A 518 -17.66 -34.42 -8.41
C ALA A 518 -16.38 -34.57 -7.60
N LEU A 519 -16.24 -33.80 -6.51
CA LEU A 519 -15.03 -33.90 -5.70
C LEU A 519 -14.98 -35.22 -4.96
N ILE A 520 -16.13 -35.78 -4.59
CA ILE A 520 -16.11 -37.08 -3.93
C ILE A 520 -15.72 -38.19 -4.91
N LYS A 521 -16.20 -38.11 -6.16
CA LYS A 521 -15.76 -39.08 -7.17
C LYS A 521 -14.27 -38.92 -7.48
N ALA A 522 -13.78 -37.68 -7.55
CA ALA A 522 -12.38 -37.44 -7.86
C ALA A 522 -11.48 -37.88 -6.70
N LEU A 523 -11.93 -37.68 -5.47
CA LEU A 523 -11.14 -38.11 -4.34
C LEU A 523 -11.22 -39.61 -4.15
N ALA A 524 -12.30 -40.23 -4.61
CA ALA A 524 -12.35 -41.69 -4.62
C ALA A 524 -11.38 -42.25 -5.65
N ALA A 525 -11.15 -41.51 -6.73
CA ALA A 525 -10.13 -41.91 -7.69
C ALA A 525 -8.73 -41.66 -7.12
N ALA A 526 -8.57 -40.58 -6.35
CA ALA A 526 -7.23 -40.14 -5.97
C ALA A 526 -6.72 -40.83 -4.71
N MET A 527 -7.63 -41.24 -3.82
CA MET A 527 -7.21 -41.86 -2.58
C MET A 527 -6.87 -43.34 -2.79
N ARG A 528 -7.24 -43.88 -3.94
CA ARG A 528 -7.17 -45.31 -4.20
C ARG A 528 -5.73 -45.80 -4.30
N GLY A 529 -5.31 -46.58 -3.31
CA GLY A 529 -3.98 -47.15 -3.32
C GLY A 529 -2.91 -46.24 -2.75
N ARG A 530 -3.29 -45.35 -1.83
CA ARG A 530 -2.33 -44.44 -1.24
C ARG A 530 -2.59 -44.36 0.24
N THR A 531 -1.53 -44.15 1.00
CA THR A 531 -1.65 -43.94 2.43
C THR A 531 -2.15 -42.51 2.62
N VAL A 532 -3.46 -42.37 2.76
CA VAL A 532 -4.12 -41.07 2.75
C VAL A 532 -4.44 -40.65 4.17
N ILE A 533 -3.89 -39.53 4.59
CA ILE A 533 -4.29 -38.91 5.84
C ILE A 533 -5.12 -37.68 5.51
N MET A 534 -6.42 -37.79 5.79
CA MET A 534 -7.42 -36.87 5.25
C MET A 534 -8.05 -36.13 6.41
N VAL A 535 -8.08 -34.81 6.34
CA VAL A 535 -8.61 -33.98 7.41
C VAL A 535 -9.91 -33.36 6.94
N ALA A 536 -11.03 -33.92 7.37
CA ALA A 536 -12.33 -33.49 6.86
C ALA A 536 -13.04 -32.73 7.96
N HIS A 537 -14.20 -32.16 7.64
CA HIS A 537 -15.07 -31.62 8.67
C HIS A 537 -16.45 -32.27 8.53
N ARG A 538 -16.89 -32.47 7.30
CA ARG A 538 -18.13 -33.20 7.05
C ARG A 538 -17.82 -34.69 7.12
N LEU A 539 -18.57 -35.42 7.94
CA LEU A 539 -18.20 -36.78 8.28
C LEU A 539 -18.67 -37.80 7.25
N SER A 540 -19.26 -37.34 6.13
CA SER A 540 -19.75 -38.26 5.10
C SER A 540 -18.61 -38.98 4.39
N MET A 541 -17.43 -38.38 4.33
CA MET A 541 -16.29 -39.08 3.79
C MET A 541 -15.51 -39.78 4.89
N VAL A 542 -15.65 -39.29 6.13
CA VAL A 542 -14.97 -39.88 7.27
C VAL A 542 -15.53 -41.26 7.60
N THR A 543 -16.82 -41.47 7.37
CA THR A 543 -17.45 -42.74 7.76
C THR A 543 -16.99 -43.91 6.88
N GLN A 544 -16.35 -43.62 5.76
CA GLN A 544 -15.65 -44.63 4.98
C GLN A 544 -14.16 -44.36 5.11
N ALA A 545 -13.53 -45.00 6.09
CA ALA A 545 -12.10 -44.82 6.35
C ALA A 545 -11.61 -46.06 7.09
N ASP A 546 -10.32 -46.06 7.41
CA ASP A 546 -9.77 -47.19 8.14
C ASP A 546 -9.57 -46.86 9.61
N VAL A 547 -8.75 -45.87 9.90
CA VAL A 547 -8.41 -45.53 11.29
C VAL A 547 -8.74 -44.07 11.51
N ILE A 548 -9.82 -43.80 12.24
CA ILE A 548 -10.29 -42.44 12.47
C ILE A 548 -9.74 -41.97 13.81
N LEU A 549 -9.16 -40.78 13.81
CA LEU A 549 -8.56 -40.22 15.02
C LEU A 549 -9.32 -38.96 15.37
N LEU A 550 -9.59 -38.76 16.66
CA LEU A 550 -10.27 -37.55 17.10
C LEU A 550 -9.28 -36.62 17.79
N PHE A 551 -9.41 -35.32 17.55
CA PHE A 551 -8.47 -34.33 18.06
C PHE A 551 -9.22 -33.22 18.79
N SER A 552 -9.12 -33.22 20.13
CA SER A 552 -9.71 -32.18 20.95
C SER A 552 -8.57 -31.47 21.69
N ASP A 553 -8.38 -30.19 21.37
CA ASP A 553 -7.49 -29.27 22.07
C ASP A 553 -6.03 -29.75 22.05
N GLY A 554 -5.64 -30.32 20.92
CA GLY A 554 -4.28 -30.76 20.74
C GLY A 554 -3.92 -32.09 21.36
N GLN A 555 -4.88 -32.79 21.94
CA GLN A 555 -4.62 -34.09 22.55
C GLN A 555 -5.37 -35.15 21.76
N LEU A 556 -4.70 -36.26 21.50
CA LEU A 556 -5.33 -37.42 20.89
C LEU A 556 -6.18 -38.12 21.93
N ARG A 557 -7.46 -38.32 21.62
CA ARG A 557 -8.36 -38.96 22.55
C ARG A 557 -8.88 -40.29 22.04
N GLU A 558 -9.12 -40.42 20.73
CA GLU A 558 -9.76 -41.61 20.22
C GLU A 558 -8.85 -42.35 19.25
N MET A 559 -9.27 -43.58 18.91
CA MET A 559 -8.62 -44.38 17.88
C MET A 559 -9.61 -45.43 17.42
N GLY A 560 -9.33 -46.06 16.29
CA GLY A 560 -10.14 -47.14 15.80
C GLY A 560 -11.05 -46.72 14.65
N ASN A 561 -11.83 -47.69 14.18
CA ASN A 561 -12.65 -47.54 12.99
C ASN A 561 -13.87 -46.67 13.26
N HIS A 562 -14.76 -46.61 12.28
CA HIS A 562 -15.99 -45.83 12.44
C HIS A 562 -16.95 -46.51 13.41
N THR A 563 -17.14 -47.82 13.26
CA THR A 563 -18.11 -48.51 14.10
C THR A 563 -17.56 -48.77 15.49
N GLN A 564 -16.26 -49.01 15.60
CA GLN A 564 -15.67 -49.34 16.89
C GLN A 564 -15.65 -48.13 17.81
N LEU A 565 -15.47 -46.94 17.25
CA LEU A 565 -15.52 -45.73 18.04
C LEU A 565 -16.95 -45.40 18.44
N LEU A 566 -17.90 -45.70 17.55
CA LEU A 566 -19.30 -45.43 17.84
C LEU A 566 -19.81 -46.38 18.92
N ALA A 567 -19.24 -47.57 19.01
CA ALA A 567 -19.62 -48.50 20.06
C ALA A 567 -18.81 -48.27 21.33
N GLN A 568 -17.74 -47.48 21.23
CA GLN A 568 -16.88 -47.25 22.39
C GLN A 568 -17.54 -46.38 23.45
N GLY A 569 -18.39 -45.43 23.06
CA GLY A 569 -19.04 -44.58 24.03
C GLY A 569 -18.23 -43.37 24.40
N GLY A 570 -17.20 -43.09 23.62
CA GLY A 570 -16.33 -41.96 23.91
C GLY A 570 -16.82 -40.66 23.32
N LEU A 571 -15.88 -39.81 22.90
CA LEU A 571 -16.23 -38.51 22.35
C LEU A 571 -16.88 -38.66 20.98
N TYR A 572 -16.54 -39.75 20.27
CA TYR A 572 -16.90 -39.85 18.87
C TYR A 572 -18.39 -40.14 18.69
N GLN A 573 -19.03 -40.88 19.59
CA GLN A 573 -20.46 -41.11 19.40
C GLN A 573 -21.25 -39.85 19.71
N ARG A 574 -20.74 -39.00 20.59
CA ARG A 574 -21.38 -37.73 20.85
C ARG A 574 -21.21 -36.79 19.67
N LEU A 575 -20.03 -36.80 19.05
CA LEU A 575 -19.81 -35.94 17.89
C LEU A 575 -20.51 -36.49 16.66
N TRP A 576 -20.83 -37.78 16.66
CA TRP A 576 -21.64 -38.32 15.58
C TRP A 576 -23.11 -38.00 15.78
N GLN A 577 -23.58 -38.05 17.03
CA GLN A 577 -24.95 -37.71 17.35
C GLN A 577 -25.22 -36.24 17.08
N HIS A 578 -24.22 -35.39 17.31
CA HIS A 578 -24.32 -33.99 16.98
C HIS A 578 -24.47 -33.76 15.49
N TYR A 579 -23.77 -34.53 14.67
CA TYR A 579 -23.75 -34.28 13.24
C TYR A 579 -25.07 -34.69 12.58
N GLN A 580 -25.56 -35.89 12.92
CA GLN A 580 -26.75 -36.40 12.27
C GLN A 580 -27.99 -35.61 12.68
N GLN A 581 -27.96 -35.03 13.87
CA GLN A 581 -29.04 -34.13 14.28
C GLN A 581 -28.93 -32.80 13.55
N ALA A 582 -27.71 -32.28 13.39
CA ALA A 582 -27.54 -30.96 12.81
C ALA A 582 -27.70 -30.98 11.30
N GLN A 583 -27.70 -32.17 10.69
CA GLN A 583 -28.04 -32.24 9.27
C GLN A 583 -29.51 -31.89 9.06
N HIS A 584 -30.36 -32.26 10.01
CA HIS A 584 -31.77 -31.91 9.95
C HIS A 584 -31.98 -30.50 10.50
N TRP A 585 -32.66 -29.64 9.72
CA TRP A 585 -32.71 -28.22 10.04
C TRP A 585 -33.53 -27.91 11.27
N VAL A 586 -34.72 -28.50 11.38
CA VAL A 586 -35.76 -28.09 12.31
C VAL A 586 -35.35 -28.23 13.78
N PRO A 587 -34.77 -29.37 14.25
CA PRO A 587 -34.36 -29.24 15.65
C PRO A 587 -32.96 -28.65 15.80
N ALA B 11 -3.87 20.11 -16.99
CA ALA B 11 -3.63 21.52 -17.24
C ALA B 11 -3.14 22.19 -15.97
N TRP B 12 -2.97 23.51 -16.02
CA TRP B 12 -2.40 24.19 -14.87
C TRP B 12 -3.41 25.11 -14.19
N ARG B 13 -4.52 25.40 -14.86
CA ARG B 13 -5.62 26.10 -14.22
C ARG B 13 -6.58 25.16 -13.49
N VAL B 14 -6.71 23.93 -14.00
CA VAL B 14 -7.54 22.94 -13.32
C VAL B 14 -6.91 22.50 -12.01
N ILE B 15 -5.58 22.55 -11.90
CA ILE B 15 -4.91 22.27 -10.63
C ILE B 15 -5.25 23.36 -9.62
N TRP B 16 -5.32 24.61 -10.07
CA TRP B 16 -5.64 25.69 -9.16
C TRP B 16 -7.09 25.64 -8.72
N ARG B 17 -8.00 25.28 -9.64
CA ARG B 17 -9.41 25.16 -9.25
C ARG B 17 -9.62 24.00 -8.28
N GLN B 18 -9.00 22.85 -8.55
CA GLN B 18 -9.15 21.70 -7.66
C GLN B 18 -8.43 21.94 -6.34
N LEU B 19 -7.41 22.78 -6.33
CA LEU B 19 -6.72 23.07 -5.08
C LEU B 19 -7.49 24.08 -4.25
N ILE B 20 -8.17 25.03 -4.88
CA ILE B 20 -8.89 26.03 -4.12
C ILE B 20 -10.24 25.47 -3.67
N SER B 21 -10.71 24.41 -4.33
CA SER B 21 -11.92 23.77 -3.83
C SER B 21 -11.60 22.79 -2.73
N SER B 22 -10.65 21.89 -2.96
CA SER B 22 -10.43 20.79 -2.05
C SER B 22 -9.61 21.16 -0.82
N VAL B 23 -9.14 22.40 -0.70
CA VAL B 23 -8.65 22.84 0.60
C VAL B 23 -9.82 23.03 1.55
N GLY B 24 -10.90 23.64 1.07
CA GLY B 24 -12.11 23.70 1.83
C GLY B 24 -12.54 25.11 2.19
N SER B 25 -12.67 25.38 3.47
CA SER B 25 -13.09 26.69 3.94
C SER B 25 -11.93 27.62 4.19
N GLN B 26 -10.71 27.20 3.88
CA GLN B 26 -9.55 28.06 3.97
C GLN B 26 -9.18 28.67 2.62
N ALA B 27 -10.17 28.92 1.78
CA ALA B 27 -9.90 29.53 0.48
C ALA B 27 -9.41 30.96 0.63
N ARG B 28 -9.95 31.68 1.63
CA ARG B 28 -9.53 33.05 1.86
C ARG B 28 -8.08 33.10 2.34
N MET B 29 -7.73 32.22 3.28
CA MET B 29 -6.37 32.20 3.78
C MET B 29 -5.40 31.67 2.73
N LEU B 30 -5.83 30.76 1.87
CA LEU B 30 -4.93 30.26 0.84
C LEU B 30 -4.71 31.30 -0.25
N ARG B 31 -5.74 32.06 -0.60
CA ARG B 31 -5.56 33.12 -1.59
C ARG B 31 -4.71 34.25 -1.03
N ARG B 32 -4.88 34.57 0.25
CA ARG B 32 -4.04 35.56 0.91
C ARG B 32 -2.60 35.11 0.98
N SER B 33 -2.35 33.82 1.21
CA SER B 33 -0.97 33.39 1.28
C SER B 33 -0.33 33.25 -0.09
N MET B 34 -1.12 32.93 -1.12
CA MET B 34 -0.58 32.94 -2.47
C MET B 34 -0.20 34.37 -2.88
N LEU B 35 -1.02 35.36 -2.50
CA LEU B 35 -0.67 36.74 -2.77
C LEU B 35 0.56 37.17 -1.99
N ALA B 36 0.68 36.70 -0.74
CA ALA B 36 1.85 37.03 0.06
C ALA B 36 3.11 36.42 -0.52
N LEU B 37 3.03 35.20 -1.05
CA LEU B 37 4.22 34.60 -1.63
C LEU B 37 4.57 35.19 -2.98
N LEU B 38 3.57 35.59 -3.77
CA LEU B 38 3.87 36.26 -5.04
C LEU B 38 4.53 37.60 -4.81
N LEU B 39 4.00 38.39 -3.88
CA LEU B 39 4.63 39.67 -3.56
C LEU B 39 5.98 39.47 -2.88
N ALA B 40 6.18 38.36 -2.17
CA ALA B 40 7.48 38.12 -1.57
C ALA B 40 8.53 37.79 -2.61
N ALA B 41 8.18 36.94 -3.57
CA ALA B 41 9.14 36.62 -4.64
C ALA B 41 9.41 37.84 -5.51
N PHE B 42 8.38 38.64 -5.77
CA PHE B 42 8.54 39.83 -6.59
C PHE B 42 9.42 40.87 -5.90
N MET B 43 9.21 41.07 -4.60
CA MET B 43 10.04 42.05 -3.90
C MET B 43 11.45 41.53 -3.67
N GLN B 44 11.64 40.21 -3.58
CA GLN B 44 13.00 39.69 -3.55
C GLN B 44 13.69 39.90 -4.88
N GLY B 45 12.96 39.80 -5.98
CA GLY B 45 13.55 40.12 -7.27
C GLY B 45 13.91 41.59 -7.41
N ILE B 46 13.10 42.46 -6.81
CA ILE B 46 13.41 43.89 -6.83
C ILE B 46 14.62 44.19 -5.95
N ALA B 47 14.80 43.44 -4.86
CA ALA B 47 16.04 43.57 -4.09
C ALA B 47 17.24 43.07 -4.87
N PHE B 48 17.05 42.01 -5.66
CA PHE B 48 18.12 41.53 -6.52
C PHE B 48 18.45 42.53 -7.62
N ALA B 49 17.47 43.33 -8.03
CA ALA B 49 17.75 44.42 -8.97
C ALA B 49 18.44 45.57 -8.27
N CYS B 50 18.14 45.78 -6.99
CA CYS B 50 18.79 46.83 -6.21
C CYS B 50 20.22 46.45 -5.91
N LEU B 51 20.55 45.17 -6.13
CA LEU B 51 21.95 44.75 -6.08
C LEU B 51 22.78 45.37 -7.21
N TYR B 52 22.15 45.89 -8.27
CA TYR B 52 22.93 46.43 -9.39
C TYR B 52 23.71 47.70 -9.04
N PRO B 53 23.11 48.83 -8.63
CA PRO B 53 23.95 50.01 -8.43
C PRO B 53 24.74 49.98 -7.14
N ILE B 54 24.51 49.01 -6.26
CA ILE B 54 25.39 48.79 -5.13
C ILE B 54 26.80 48.48 -5.61
N ILE B 55 26.92 47.52 -6.51
CA ILE B 55 28.24 47.12 -7.00
C ILE B 55 28.81 48.18 -7.92
N ASP B 56 27.94 48.88 -8.67
CA ASP B 56 28.38 49.98 -9.52
C ASP B 56 28.93 51.13 -8.70
N ALA B 57 28.37 51.37 -7.52
CA ALA B 57 28.96 52.35 -6.63
C ALA B 57 30.16 51.77 -5.90
N LEU B 58 30.25 50.45 -5.83
CA LEU B 58 31.21 49.85 -4.93
C LEU B 58 32.58 49.71 -5.57
N LEU B 59 32.68 49.58 -6.89
CA LEU B 59 34.02 49.57 -7.48
C LEU B 59 34.58 50.97 -7.63
N ARG B 60 33.74 51.99 -7.55
CA ARG B 60 34.18 53.35 -7.34
C ARG B 60 34.18 53.60 -5.83
N GLY B 61 34.47 54.82 -5.41
CA GLY B 61 34.38 55.10 -4.00
C GLY B 61 32.95 55.17 -3.51
N ASP B 62 32.26 56.26 -3.88
CA ASP B 62 30.81 56.50 -3.79
C ASP B 62 30.14 55.93 -2.54
N ALA B 63 30.62 56.36 -1.38
CA ALA B 63 29.94 56.00 -0.13
C ALA B 63 28.54 56.59 -0.01
N PRO B 64 28.24 57.84 -0.47
CA PRO B 64 26.83 58.25 -0.49
C PRO B 64 25.93 57.42 -1.40
N GLN B 65 26.41 56.98 -2.56
CA GLN B 65 25.57 56.15 -3.43
C GLN B 65 25.37 54.76 -2.82
N LEU B 66 26.42 54.20 -2.21
CA LEU B 66 26.29 52.91 -1.55
C LEU B 66 25.33 52.99 -0.38
N LEU B 67 25.35 54.10 0.36
CA LEU B 67 24.40 54.28 1.45
C LEU B 67 22.98 54.42 0.92
N ASN B 68 22.80 55.25 -0.12
CA ASN B 68 21.47 55.54 -0.63
C ASN B 68 20.89 54.39 -1.42
N TRP B 69 21.68 53.36 -1.72
CA TRP B 69 21.09 52.14 -2.28
C TRP B 69 21.08 50.97 -1.32
N ALA B 70 21.98 50.92 -0.34
CA ALA B 70 21.92 49.84 0.64
C ALA B 70 20.78 50.06 1.62
N MET B 71 20.38 51.31 1.83
CA MET B 71 19.19 51.57 2.63
C MET B 71 17.94 51.07 1.91
N ALA B 72 17.87 51.27 0.60
CA ALA B 72 16.75 50.73 -0.16
C ALA B 72 16.83 49.22 -0.27
N PHE B 73 18.03 48.65 -0.24
CA PHE B 73 18.15 47.19 -0.22
C PHE B 73 17.68 46.63 1.11
N SER B 74 17.97 47.31 2.20
CA SER B 74 17.46 46.88 3.50
C SER B 74 15.94 46.98 3.56
N VAL B 75 15.39 48.05 3.01
CA VAL B 75 13.94 48.22 2.97
C VAL B 75 13.27 47.15 2.11
N ALA B 76 13.80 46.90 0.91
CA ALA B 76 13.22 45.87 0.05
C ALA B 76 13.73 44.47 0.37
N ALA B 77 14.51 44.31 1.43
CA ALA B 77 14.86 42.98 1.91
C ALA B 77 13.98 42.59 3.08
N ILE B 78 13.78 43.52 4.02
CA ILE B 78 12.95 43.28 5.19
C ILE B 78 11.50 43.04 4.77
N VAL B 79 11.04 43.75 3.74
CA VAL B 79 9.68 43.60 3.26
C VAL B 79 9.44 42.20 2.69
N THR B 80 10.34 41.72 1.84
CA THR B 80 10.09 40.40 1.26
C THR B 80 10.41 39.28 2.24
N LEU B 81 11.27 39.53 3.22
CA LEU B 81 11.50 38.50 4.24
C LEU B 81 10.28 38.37 5.16
N VAL B 82 9.68 39.50 5.53
CA VAL B 82 8.44 39.48 6.30
C VAL B 82 7.31 38.86 5.51
N LEU B 83 7.25 39.13 4.20
CA LEU B 83 6.18 38.58 3.39
C LEU B 83 6.34 37.09 3.18
N ARG B 84 7.58 36.60 3.04
CA ARG B 84 7.78 35.16 3.00
C ARG B 84 7.48 34.53 4.35
N TRP B 85 7.74 35.25 5.44
CA TRP B 85 7.43 34.79 6.78
C TRP B 85 5.93 34.60 6.96
N TYR B 86 5.12 35.52 6.44
CA TYR B 86 3.68 35.35 6.48
C TYR B 86 3.16 34.30 5.51
N GLY B 87 3.78 34.20 4.33
CA GLY B 87 3.35 33.21 3.37
C GLY B 87 3.58 31.78 3.84
N LEU B 88 4.69 31.56 4.54
CA LEU B 88 4.86 30.27 5.20
C LEU B 88 4.13 30.22 6.52
N GLY B 89 3.75 31.37 7.08
CA GLY B 89 2.96 31.36 8.30
C GLY B 89 1.52 30.96 8.04
N PHE B 90 1.13 30.89 6.77
CA PHE B 90 -0.02 30.07 6.41
C PHE B 90 0.17 28.64 6.89
N GLU B 91 1.32 28.06 6.62
CA GLU B 91 1.53 26.66 6.92
C GLU B 91 1.95 26.42 8.37
N TYR B 92 2.69 27.35 8.97
CA TYR B 92 3.28 27.10 10.27
C TYR B 92 2.50 27.69 11.43
N ARG B 93 1.48 28.50 11.17
CA ARG B 93 0.52 28.75 12.23
C ARG B 93 -0.38 27.55 12.42
N GLY B 94 -0.63 26.80 11.35
CA GLY B 94 -1.36 25.56 11.46
C GLY B 94 -2.53 25.46 10.51
N HIS B 95 -2.68 26.43 9.59
CA HIS B 95 -3.86 26.48 8.74
C HIS B 95 -3.92 25.37 7.70
N LEU B 96 -2.82 24.66 7.48
CA LEU B 96 -2.88 23.52 6.58
C LEU B 96 -3.39 22.27 7.27
N ALA B 97 -3.18 22.15 8.58
CA ALA B 97 -3.74 21.02 9.31
C ALA B 97 -5.25 21.07 9.32
N GLN B 98 -5.83 22.25 9.47
CA GLN B 98 -7.28 22.40 9.35
C GLN B 98 -7.75 22.16 7.93
N ALA B 99 -6.92 22.44 6.94
CA ALA B 99 -7.32 22.23 5.55
C ALA B 99 -7.41 20.75 5.23
N THR B 100 -6.37 19.98 5.55
CA THR B 100 -6.42 18.54 5.30
C THR B 100 -7.38 17.84 6.25
N HIS B 101 -7.61 18.40 7.44
CA HIS B 101 -8.62 17.86 8.34
C HIS B 101 -10.01 18.01 7.74
N GLU B 102 -10.34 19.19 7.22
CA GLU B 102 -11.63 19.40 6.59
C GLU B 102 -11.77 18.58 5.33
N LEU B 103 -10.66 18.38 4.60
CA LEU B 103 -10.69 17.52 3.42
C LEU B 103 -10.98 16.07 3.80
N ARG B 104 -10.37 15.59 4.87
CA ARG B 104 -10.60 14.21 5.27
C ARG B 104 -11.99 14.02 5.87
N LEU B 105 -12.50 15.01 6.59
CA LEU B 105 -13.86 14.88 7.09
C LEU B 105 -14.91 15.10 6.03
N ARG B 106 -14.58 15.71 4.89
CA ARG B 106 -15.49 15.71 3.77
C ARG B 106 -15.40 14.40 3.00
N LEU B 107 -14.22 13.81 2.92
CA LEU B 107 -14.06 12.50 2.29
C LEU B 107 -14.79 11.43 3.09
N GLY B 108 -14.83 11.56 4.42
CA GLY B 108 -15.55 10.59 5.23
C GLY B 108 -17.04 10.63 4.99
N GLU B 109 -17.62 11.83 4.90
CA GLU B 109 -19.05 11.94 4.65
C GLU B 109 -19.38 11.53 3.21
N GLN B 110 -18.46 11.79 2.28
CA GLN B 110 -18.68 11.32 0.92
C GLN B 110 -18.56 9.81 0.80
N LEU B 111 -17.69 9.19 1.62
CA LEU B 111 -17.59 7.74 1.62
C LEU B 111 -18.78 7.12 2.35
N ARG B 112 -19.39 7.88 3.25
CA ARG B 112 -20.61 7.41 3.89
C ARG B 112 -21.83 7.66 3.03
N ARG B 113 -21.74 8.50 2.00
CA ARG B 113 -22.88 8.82 1.15
C ARG B 113 -22.83 8.15 -0.22
N VAL B 114 -21.72 7.51 -0.56
CA VAL B 114 -21.52 6.93 -1.90
C VAL B 114 -22.42 5.73 -2.04
N PRO B 115 -22.96 5.45 -3.24
CA PRO B 115 -23.61 4.15 -3.47
C PRO B 115 -22.59 3.03 -3.33
N LEU B 116 -23.04 1.89 -2.80
CA LEU B 116 -22.11 0.78 -2.59
C LEU B 116 -21.71 0.12 -3.90
N GLU B 117 -22.46 0.37 -4.97
CA GLU B 117 -22.18 -0.26 -6.26
C GLU B 117 -20.82 0.16 -6.80
N LYS B 118 -20.54 1.46 -6.78
CA LYS B 118 -19.24 1.94 -7.26
C LYS B 118 -18.14 1.54 -6.30
N LEU B 119 -18.46 1.51 -5.00
CA LEU B 119 -17.50 1.12 -3.99
C LEU B 119 -17.06 -0.32 -4.14
N GLN B 120 -17.95 -1.19 -4.62
CA GLN B 120 -17.60 -2.61 -4.71
C GLN B 120 -17.12 -2.98 -6.11
N ARG B 121 -17.77 -2.43 -7.15
CA ARG B 121 -17.34 -2.73 -8.52
C ARG B 121 -16.03 -2.02 -8.86
N GLY B 122 -15.66 -1.00 -8.10
CA GLY B 122 -14.28 -0.60 -8.12
C GLY B 122 -13.39 -1.54 -7.36
N ARG B 123 -13.05 -2.71 -7.92
CA ARG B 123 -12.18 -3.68 -7.29
C ARG B 123 -10.81 -3.09 -7.02
N ALA B 124 -10.23 -2.44 -8.03
CA ALA B 124 -9.05 -1.62 -7.80
C ALA B 124 -9.44 -0.31 -7.12
N GLY B 125 -10.71 0.09 -7.27
CA GLY B 125 -11.17 1.33 -6.67
C GLY B 125 -11.29 1.26 -5.17
N GLU B 126 -11.43 0.05 -4.62
CA GLU B 126 -11.42 -0.14 -3.16
C GLU B 126 -10.09 0.30 -2.56
N MET B 127 -9.00 -0.31 -3.02
CA MET B 127 -7.68 0.07 -2.54
C MET B 127 -7.29 1.45 -3.03
N ASN B 128 -7.89 1.92 -4.14
CA ASN B 128 -7.64 3.29 -4.60
C ASN B 128 -8.22 4.31 -3.63
N ALA B 129 -9.47 4.12 -3.20
CA ALA B 129 -10.10 5.03 -2.25
C ALA B 129 -9.42 4.96 -0.89
N LEU B 130 -9.06 3.74 -0.47
CA LEU B 130 -8.35 3.58 0.79
C LEU B 130 -6.97 4.23 0.74
N LEU B 131 -6.28 4.09 -0.39
CA LEU B 131 -4.93 4.63 -0.54
C LEU B 131 -4.96 6.14 -0.59
N LEU B 132 -5.96 6.73 -1.26
CA LEU B 132 -6.02 8.19 -1.31
C LEU B 132 -6.41 8.77 0.05
N GLY B 133 -7.34 8.12 0.75
CA GLY B 133 -7.73 8.59 2.07
C GLY B 133 -6.63 8.46 3.10
N SER B 134 -5.69 7.56 2.85
CA SER B 134 -4.51 7.45 3.72
C SER B 134 -3.32 8.28 3.24
N VAL B 135 -3.24 8.62 1.95
CA VAL B 135 -2.08 9.32 1.42
C VAL B 135 -2.33 10.82 1.31
N ASP B 136 -3.53 11.28 1.68
CA ASP B 136 -3.86 12.70 1.65
C ASP B 136 -3.02 13.56 2.62
N GLU B 137 -2.12 12.98 3.41
CA GLU B 137 -1.09 13.76 4.07
C GLU B 137 0.01 14.22 3.10
N ASN B 138 -0.03 13.77 1.84
CA ASN B 138 0.94 14.25 0.85
C ASN B 138 0.57 15.63 0.34
N LEU B 139 -0.58 16.17 0.75
CA LEU B 139 -0.95 17.53 0.41
C LEU B 139 -0.24 18.53 1.31
N ASN B 140 0.54 18.06 2.28
CA ASN B 140 1.33 18.91 3.16
C ASN B 140 2.42 19.69 2.44
N TYR B 141 2.81 19.22 1.26
CA TYR B 141 3.86 19.85 0.50
C TYR B 141 3.39 21.07 -0.29
N VAL B 142 2.15 21.51 -0.14
CA VAL B 142 1.58 22.43 -1.13
C VAL B 142 2.11 23.84 -0.93
N ILE B 143 2.46 24.21 0.29
CA ILE B 143 3.01 25.55 0.47
C ILE B 143 4.50 25.57 0.22
N ALA B 144 5.19 24.49 0.58
CA ALA B 144 6.60 24.40 0.21
C ALA B 144 6.80 24.14 -1.28
N ILE B 145 5.74 23.85 -2.03
CA ILE B 145 5.86 23.82 -3.49
C ILE B 145 5.32 25.09 -4.12
N ALA B 146 4.38 25.79 -3.49
CA ALA B 146 4.01 27.10 -4.01
C ALA B 146 4.96 28.18 -3.60
N ASN B 147 5.93 27.86 -2.74
CA ASN B 147 6.99 28.82 -2.44
C ASN B 147 8.16 28.65 -3.39
N ILE B 148 8.48 27.41 -3.77
CA ILE B 148 9.63 27.17 -4.63
C ILE B 148 9.34 27.45 -6.10
N LEU B 149 8.25 26.91 -6.63
CA LEU B 149 7.84 27.13 -8.01
C LEU B 149 7.59 28.59 -8.29
N LEU B 150 6.92 29.28 -7.36
CA LEU B 150 6.60 30.68 -7.56
C LEU B 150 7.84 31.55 -7.48
N LEU B 151 8.79 31.19 -6.63
CA LEU B 151 10.06 31.91 -6.58
C LEU B 151 10.81 31.73 -7.88
N THR B 152 10.91 30.48 -8.36
CA THR B 152 11.72 30.18 -9.53
C THR B 152 11.13 30.77 -10.80
N ILE B 153 9.82 30.97 -10.86
CA ILE B 153 9.26 31.64 -12.04
C ILE B 153 9.24 33.16 -11.87
N VAL B 154 8.84 33.70 -10.72
CA VAL B 154 8.60 35.13 -10.63
C VAL B 154 9.91 35.89 -10.41
N THR B 155 10.73 35.45 -9.46
CA THR B 155 11.92 36.23 -9.06
C THR B 155 12.93 36.45 -10.20
N PRO B 156 13.29 35.45 -11.03
CA PRO B 156 14.08 35.79 -12.22
C PRO B 156 13.32 36.64 -13.22
N LEU B 157 12.00 36.51 -13.31
CA LEU B 157 11.25 37.32 -14.26
C LEU B 157 11.24 38.80 -13.87
N THR B 158 11.12 39.09 -12.57
CA THR B 158 11.13 40.50 -12.18
C THR B 158 12.54 41.07 -12.12
N ALA B 159 13.54 40.25 -11.75
CA ALA B 159 14.92 40.70 -11.84
C ALA B 159 15.32 40.97 -13.28
N SER B 160 14.83 40.15 -14.20
CA SER B 160 15.16 40.34 -15.59
C SER B 160 14.38 41.49 -16.20
N LEU B 161 13.13 41.69 -15.78
CA LEU B 161 12.39 42.84 -16.27
C LEU B 161 12.84 44.14 -15.62
N ALA B 162 13.71 44.09 -14.62
CA ALA B 162 14.38 45.31 -14.17
C ALA B 162 15.72 45.51 -14.88
N THR B 163 16.43 44.42 -15.17
CA THR B 163 17.67 44.61 -15.90
C THR B 163 17.43 44.92 -17.37
N LEU B 164 16.21 44.73 -17.87
CA LEU B 164 15.80 45.37 -19.12
C LEU B 164 15.84 46.89 -19.04
N TRP B 165 15.71 47.47 -17.85
CA TRP B 165 15.84 48.91 -17.68
C TRP B 165 17.26 49.32 -17.36
N ILE B 166 18.04 48.48 -16.69
CA ILE B 166 19.44 48.83 -16.47
C ILE B 166 20.25 48.68 -17.76
N ASP B 167 20.06 47.57 -18.47
CA ASP B 167 20.79 47.31 -19.70
C ASP B 167 19.81 46.84 -20.78
N TRP B 168 20.33 46.57 -21.97
CA TRP B 168 19.53 46.03 -23.06
C TRP B 168 19.76 44.57 -23.31
N ARG B 169 21.02 44.13 -23.37
CA ARG B 169 21.32 42.83 -23.95
C ARG B 169 21.53 41.79 -22.86
N LEU B 170 22.10 42.22 -21.73
CA LEU B 170 22.13 41.39 -20.52
C LEU B 170 20.72 41.09 -20.06
N GLY B 171 19.80 42.03 -20.28
CA GLY B 171 18.41 41.79 -19.96
C GLY B 171 17.78 40.70 -20.78
N LEU B 172 18.01 40.72 -22.09
CA LEU B 172 17.40 39.72 -22.95
C LEU B 172 18.02 38.36 -22.74
N VAL B 173 19.33 38.31 -22.50
CA VAL B 173 19.99 37.04 -22.24
C VAL B 173 19.53 36.46 -20.90
N MET B 174 19.25 37.33 -19.93
CA MET B 174 18.72 36.82 -18.67
C MET B 174 17.27 36.41 -18.80
N LEU B 175 16.48 37.09 -19.63
CA LEU B 175 15.05 36.82 -19.68
C LEU B 175 14.74 35.58 -20.49
N LEU B 176 15.50 35.32 -21.54
CA LEU B 176 15.22 34.15 -22.36
C LEU B 176 15.67 32.88 -21.66
N ILE B 177 16.67 32.98 -20.79
CA ILE B 177 17.25 31.78 -20.22
C ILE B 177 16.59 31.43 -18.89
N PHE B 178 16.67 32.32 -17.92
CA PHE B 178 16.41 31.91 -16.53
C PHE B 178 14.94 31.82 -16.08
N PRO B 179 14.06 32.79 -16.31
CA PRO B 179 12.70 32.60 -15.78
C PRO B 179 11.86 31.66 -16.61
N LEU B 180 12.29 31.34 -17.82
CA LEU B 180 11.58 30.33 -18.60
C LEU B 180 12.14 28.93 -18.37
N LEU B 181 12.84 28.71 -17.26
CA LEU B 181 13.44 27.40 -17.03
C LEU B 181 12.41 26.36 -16.60
N VAL B 182 11.41 26.78 -15.83
CA VAL B 182 10.36 25.85 -15.42
C VAL B 182 9.45 25.51 -16.60
N PRO B 183 9.10 26.41 -17.53
CA PRO B 183 8.52 25.90 -18.78
C PRO B 183 9.48 25.09 -19.63
N PHE B 184 10.79 25.32 -19.53
CA PHE B 184 11.72 24.49 -20.28
C PHE B 184 11.91 23.13 -19.63
N TYR B 185 11.45 22.96 -18.39
CA TYR B 185 11.40 21.63 -17.80
C TYR B 185 10.11 20.91 -18.16
N TYR B 186 8.98 21.61 -18.17
CA TYR B 186 7.74 20.92 -18.52
C TYR B 186 7.60 20.76 -20.02
N TRP B 187 8.49 21.36 -20.81
CA TRP B 187 8.55 21.03 -22.22
C TRP B 187 9.24 19.69 -22.44
N ARG B 188 10.22 19.36 -21.59
CA ARG B 188 10.96 18.10 -21.67
C ARG B 188 10.45 17.07 -20.69
N ARG B 189 9.39 17.37 -19.96
CA ARG B 189 8.86 16.40 -18.98
C ARG B 189 8.22 15.15 -19.57
N PRO B 190 7.32 15.21 -20.59
CA PRO B 190 6.63 13.96 -20.99
C PRO B 190 7.52 12.86 -21.55
N ALA B 191 8.72 13.19 -22.03
CA ALA B 191 9.69 12.15 -22.33
C ALA B 191 10.13 11.43 -21.06
N MET B 192 10.37 12.18 -19.99
CA MET B 192 10.74 11.57 -18.71
C MET B 192 9.56 10.80 -18.12
N ARG B 193 8.34 11.28 -18.34
CA ARG B 193 7.18 10.56 -17.82
C ARG B 193 6.96 9.27 -18.58
N ARG B 194 7.25 9.26 -19.89
CA ARG B 194 7.14 8.02 -20.65
C ARG B 194 8.19 7.01 -20.25
N GLN B 195 9.42 7.47 -20.03
CA GLN B 195 10.46 6.53 -19.60
C GLN B 195 10.25 6.05 -18.18
N MET B 196 9.71 6.90 -17.31
CA MET B 196 9.37 6.48 -15.95
C MET B 196 8.18 5.51 -15.95
N GLN B 197 7.28 5.66 -16.93
CA GLN B 197 6.20 4.70 -17.11
C GLN B 197 6.73 3.34 -17.56
N THR B 198 7.71 3.36 -18.47
CA THR B 198 8.35 2.13 -18.93
C THR B 198 9.08 1.44 -17.79
N LEU B 199 9.68 2.21 -16.89
CA LEU B 199 10.34 1.62 -15.74
C LEU B 199 9.33 1.07 -14.73
N GLY B 200 8.29 1.85 -14.42
CA GLY B 200 7.31 1.47 -13.43
C GLY B 200 6.46 0.29 -13.83
N GLU B 201 6.23 0.09 -15.13
CA GLU B 201 5.48 -1.07 -15.58
C GLU B 201 6.24 -2.36 -15.31
N ALA B 202 7.51 -2.40 -15.67
CA ALA B 202 8.33 -3.58 -15.35
C ALA B 202 8.52 -3.73 -13.86
N HIS B 203 8.55 -2.63 -13.11
CA HIS B 203 8.66 -2.73 -11.66
C HIS B 203 7.40 -3.35 -11.05
N GLN B 204 6.23 -2.99 -11.58
CA GLN B 204 4.98 -3.58 -11.10
C GLN B 204 4.86 -5.03 -11.50
N ARG B 205 5.39 -5.39 -12.68
CA ARG B 205 5.39 -6.79 -13.09
C ARG B 205 6.30 -7.63 -12.20
N LEU B 206 7.43 -7.06 -11.79
CA LEU B 206 8.29 -7.74 -10.84
C LEU B 206 7.61 -7.88 -9.47
N SER B 207 6.86 -6.86 -9.05
CA SER B 207 6.13 -6.96 -7.78
C SER B 207 5.07 -8.06 -7.84
N GLY B 208 4.39 -8.18 -8.98
CA GLY B 208 3.43 -9.26 -9.16
C GLY B 208 4.08 -10.63 -9.14
N ASP B 209 5.28 -10.74 -9.74
CA ASP B 209 5.97 -12.02 -9.72
C ASP B 209 6.48 -12.37 -8.33
N ILE B 210 6.86 -11.37 -7.55
CA ILE B 210 7.30 -11.62 -6.17
C ILE B 210 6.11 -12.06 -5.32
N VAL B 211 4.95 -11.44 -5.52
CA VAL B 211 3.73 -11.86 -4.82
C VAL B 211 3.37 -13.30 -5.17
N GLU B 212 3.47 -13.65 -6.46
CA GLU B 212 3.15 -15.00 -6.90
C GLU B 212 4.12 -16.03 -6.32
N PHE B 213 5.40 -15.69 -6.27
CA PHE B 213 6.40 -16.55 -5.64
C PHE B 213 6.11 -16.75 -4.15
N ALA B 214 5.85 -15.65 -3.44
CA ALA B 214 5.70 -15.72 -1.99
C ALA B 214 4.45 -16.47 -1.58
N GLN B 215 3.37 -16.35 -2.36
CA GLN B 215 2.17 -17.11 -2.05
C GLN B 215 2.34 -18.57 -2.44
N GLY B 216 2.71 -18.83 -3.70
CA GLY B 216 2.77 -20.22 -4.13
C GLY B 216 4.05 -20.94 -3.80
N MET B 217 4.83 -20.43 -2.83
CA MET B 217 6.01 -21.15 -2.32
C MET B 217 5.71 -22.58 -1.93
N MET B 218 4.58 -22.83 -1.26
CA MET B 218 4.35 -24.18 -0.75
C MET B 218 4.04 -25.18 -1.86
N VAL B 219 3.15 -24.83 -2.79
CA VAL B 219 2.87 -25.75 -3.89
C VAL B 219 4.07 -25.82 -4.83
N LEU B 220 4.88 -24.76 -4.85
CA LEU B 220 6.10 -24.74 -5.64
C LEU B 220 7.13 -25.69 -5.04
N ARG B 221 7.08 -25.87 -3.73
CA ARG B 221 8.03 -26.78 -3.11
C ARG B 221 7.56 -28.22 -3.24
N THR B 222 6.25 -28.46 -3.13
CA THR B 222 5.80 -29.85 -3.22
C THR B 222 5.65 -30.32 -4.65
N CYS B 223 5.78 -29.43 -5.64
CA CYS B 223 5.95 -29.98 -6.98
C CYS B 223 7.40 -30.30 -7.26
N GLY B 224 8.31 -29.85 -6.40
CA GLY B 224 9.72 -30.10 -6.55
C GLY B 224 10.44 -29.11 -7.44
N SER B 225 9.75 -28.12 -7.99
CA SER B 225 10.33 -27.17 -8.91
C SER B 225 10.64 -25.83 -8.26
N ASP B 226 11.02 -25.82 -6.99
CA ASP B 226 11.34 -24.55 -6.33
C ASP B 226 12.63 -23.96 -6.85
N ALA B 227 13.61 -24.81 -7.19
CA ALA B 227 14.88 -24.32 -7.70
C ALA B 227 14.71 -23.67 -9.06
N ASP B 228 13.82 -24.21 -9.88
CA ASP B 228 13.58 -23.66 -11.21
C ASP B 228 12.95 -22.29 -11.14
N LYS B 229 11.97 -22.09 -10.25
CA LYS B 229 11.39 -20.77 -10.11
C LYS B 229 12.31 -19.82 -9.37
N SER B 230 13.23 -20.34 -8.56
CA SER B 230 14.26 -19.47 -7.98
C SER B 230 15.20 -18.94 -9.06
N ARG B 231 15.59 -19.80 -10.02
CA ARG B 231 16.40 -19.34 -11.14
C ARG B 231 15.62 -18.38 -12.02
N ALA B 232 14.32 -18.62 -12.17
CA ALA B 232 13.49 -17.72 -12.97
C ALA B 232 13.38 -16.36 -12.31
N LEU B 233 13.30 -16.31 -10.99
CA LEU B 233 13.25 -15.03 -10.30
C LEU B 233 14.60 -14.32 -10.32
N LEU B 234 15.69 -15.08 -10.29
CA LEU B 234 17.00 -14.44 -10.39
C LEU B 234 17.24 -13.89 -11.79
N ALA B 235 16.75 -14.60 -12.81
CA ALA B 235 16.83 -14.07 -14.17
C ALA B 235 15.92 -12.86 -14.34
N HIS B 236 14.78 -12.84 -13.65
CA HIS B 236 13.93 -11.66 -13.69
C HIS B 236 14.56 -10.48 -12.99
N PHE B 237 15.30 -10.72 -11.91
CA PHE B 237 16.01 -9.64 -11.23
C PHE B 237 17.12 -9.08 -12.10
N ASN B 238 17.86 -9.96 -12.78
CA ASN B 238 18.90 -9.46 -13.67
C ASN B 238 18.32 -8.76 -14.89
N ALA B 239 17.16 -9.19 -15.36
CA ALA B 239 16.53 -8.48 -16.46
C ALA B 239 16.02 -7.12 -16.03
N LEU B 240 15.57 -7.00 -14.77
CA LEU B 240 15.14 -5.70 -14.28
C LEU B 240 16.33 -4.77 -14.07
N GLU B 241 17.46 -5.30 -13.60
CA GLU B 241 18.64 -4.45 -13.46
C GLU B 241 19.18 -4.03 -14.81
N ASN B 242 19.10 -4.91 -15.80
CA ASN B 242 19.58 -4.54 -17.13
C ASN B 242 18.65 -3.52 -17.79
N LEU B 243 17.35 -3.61 -17.52
CA LEU B 243 16.45 -2.57 -18.05
C LEU B 243 16.65 -1.25 -17.30
N GLN B 244 16.96 -1.32 -16.01
CA GLN B 244 17.24 -0.10 -15.26
C GLN B 244 18.51 0.59 -15.75
N THR B 245 19.55 -0.19 -16.03
CA THR B 245 20.78 0.38 -16.57
C THR B 245 20.58 0.91 -18.00
N ARG B 246 19.84 0.17 -18.83
CA ARG B 246 19.63 0.60 -20.21
C ARG B 246 18.74 1.84 -20.27
N THR B 247 17.81 2.00 -19.33
CA THR B 247 17.02 3.22 -19.28
C THR B 247 17.85 4.38 -18.77
N HIS B 248 18.54 4.19 -17.65
CA HIS B 248 19.29 5.27 -17.03
C HIS B 248 20.47 5.74 -17.86
N ARG B 249 21.07 4.87 -18.66
CA ARG B 249 22.20 5.23 -19.50
C ARG B 249 21.80 6.17 -20.62
N GLN B 250 20.58 6.03 -21.14
CA GLN B 250 20.12 6.91 -22.20
C GLN B 250 19.24 8.05 -21.70
N GLY B 251 18.95 8.11 -20.41
CA GLY B 251 18.25 9.24 -19.83
C GLY B 251 19.05 10.04 -18.83
N ALA B 252 20.37 9.88 -18.80
CA ALA B 252 21.17 10.62 -17.82
C ALA B 252 21.64 11.96 -18.38
N GLY B 253 21.68 12.09 -19.71
CA GLY B 253 22.08 13.36 -20.29
C GLY B 253 21.08 14.46 -20.00
N ALA B 254 19.80 14.17 -20.19
CA ALA B 254 18.75 15.15 -19.90
C ALA B 254 18.67 15.44 -18.41
N THR B 255 18.84 14.41 -17.58
CA THR B 255 18.79 14.59 -16.14
C THR B 255 19.95 15.45 -15.66
N MET B 256 21.12 15.32 -16.28
CA MET B 256 22.25 16.11 -15.83
C MET B 256 22.19 17.53 -16.36
N LEU B 257 21.71 17.71 -17.60
CA LEU B 257 21.47 19.05 -18.12
C LEU B 257 20.44 19.82 -17.30
N ILE B 258 19.36 19.17 -16.90
CA ILE B 258 18.32 19.86 -16.13
C ILE B 258 18.83 20.22 -14.74
N ALA B 259 19.66 19.36 -14.16
CA ALA B 259 20.21 19.66 -12.84
C ALA B 259 21.24 20.77 -12.89
N SER B 260 22.01 20.87 -13.98
CA SER B 260 23.04 21.91 -14.02
C SER B 260 22.69 23.03 -15.00
N VAL B 261 21.41 23.21 -15.33
CA VAL B 261 21.02 24.22 -16.31
C VAL B 261 21.24 25.64 -15.78
N VAL B 262 21.26 25.81 -14.45
CA VAL B 262 21.47 27.16 -13.93
C VAL B 262 22.93 27.57 -14.07
N GLU B 263 23.86 26.61 -13.95
CA GLU B 263 25.26 26.95 -14.17
C GLU B 263 25.59 27.01 -15.66
N LEU B 264 24.95 26.16 -16.46
CA LEU B 264 25.18 26.23 -17.89
C LEU B 264 24.46 27.40 -18.53
N GLY B 265 23.53 28.03 -17.82
CA GLY B 265 23.02 29.31 -18.26
C GLY B 265 23.82 30.47 -17.71
N LEU B 266 24.45 30.27 -16.54
CA LEU B 266 25.39 31.25 -16.02
C LEU B 266 26.58 31.43 -16.93
N GLN B 267 27.01 30.35 -17.59
CA GLN B 267 28.17 30.45 -18.47
C GLN B 267 27.88 31.28 -19.71
N VAL B 268 26.64 31.23 -20.20
CA VAL B 268 26.27 32.05 -21.36
C VAL B 268 26.30 33.52 -20.99
N VAL B 269 25.82 33.86 -19.80
CA VAL B 269 25.85 35.24 -19.33
C VAL B 269 27.28 35.71 -19.10
N VAL B 270 28.12 34.84 -18.52
CA VAL B 270 29.53 35.18 -18.29
C VAL B 270 30.29 35.45 -19.58
N LEU B 271 30.12 34.58 -20.59
CA LEU B 271 30.81 34.79 -21.86
C LEU B 271 30.28 36.02 -22.59
N SER B 272 28.95 36.15 -22.70
CA SER B 272 28.36 37.25 -23.44
C SER B 272 28.62 38.58 -22.76
N GLY B 273 28.57 38.61 -21.43
CA GLY B 273 28.81 39.84 -20.72
C GLY B 273 30.24 40.29 -20.81
N ILE B 274 31.18 39.34 -20.83
CA ILE B 274 32.59 39.72 -20.98
C ILE B 274 32.83 40.22 -22.40
N VAL B 275 32.18 39.61 -23.38
CA VAL B 275 32.26 40.08 -24.77
C VAL B 275 31.71 41.51 -24.88
N TRP B 276 30.66 41.82 -24.13
CA TRP B 276 30.14 43.18 -24.16
C TRP B 276 31.00 44.15 -23.33
N VAL B 277 31.65 43.68 -22.28
CA VAL B 277 32.45 44.56 -21.45
C VAL B 277 33.71 45.00 -22.17
N VAL B 278 34.41 44.09 -22.84
CA VAL B 278 35.63 44.43 -23.56
C VAL B 278 35.36 45.30 -24.77
N THR B 279 34.29 45.07 -25.52
CA THR B 279 33.91 46.03 -26.54
C THR B 279 33.32 47.27 -25.87
N GLY B 280 33.18 48.33 -26.65
CA GLY B 280 32.90 49.67 -26.16
C GLY B 280 31.64 49.89 -25.37
N THR B 281 30.68 48.97 -25.37
CA THR B 281 29.45 49.17 -24.61
C THR B 281 29.72 48.81 -23.16
N LEU B 282 30.37 49.71 -22.44
CA LEU B 282 30.94 49.40 -21.13
C LEU B 282 29.87 49.41 -20.05
N ASN B 283 29.05 48.36 -20.05
CA ASN B 283 28.34 48.03 -18.85
C ASN B 283 29.34 47.61 -17.77
N LEU B 284 29.42 48.41 -16.71
CA LEU B 284 30.65 48.47 -15.92
C LEU B 284 30.86 47.26 -15.03
N ALA B 285 30.03 47.14 -13.99
CA ALA B 285 30.11 46.01 -13.09
C ALA B 285 28.77 45.33 -12.98
N PHE B 286 27.86 45.70 -13.89
CA PHE B 286 26.55 45.07 -13.95
C PHE B 286 26.67 43.61 -14.33
N LEU B 287 27.75 43.26 -15.04
CA LEU B 287 28.07 41.86 -15.26
C LEU B 287 28.35 41.12 -13.95
N ILE B 288 29.12 41.73 -13.05
CA ILE B 288 29.44 41.10 -11.78
C ILE B 288 28.19 40.97 -10.94
N ALA B 289 27.35 41.99 -10.95
CA ALA B 289 26.13 41.93 -10.16
C ALA B 289 25.12 40.96 -10.77
N ALA B 290 25.11 40.82 -12.10
CA ALA B 290 24.20 39.89 -12.73
C ALA B 290 24.64 38.45 -12.50
N VAL B 291 25.95 38.22 -12.46
CA VAL B 291 26.46 36.89 -12.14
C VAL B 291 26.17 36.54 -10.68
N ALA B 292 26.35 37.52 -9.78
CA ALA B 292 26.04 37.28 -8.38
C ALA B 292 24.54 37.14 -8.15
N MET B 293 23.73 37.66 -9.07
CA MET B 293 22.30 37.44 -9.00
C MET B 293 21.92 36.04 -9.46
N ILE B 294 22.35 35.65 -10.66
CA ILE B 294 21.84 34.42 -11.27
C ILE B 294 22.67 33.21 -10.85
N MET B 295 23.64 33.42 -9.98
CA MET B 295 24.16 32.30 -9.21
C MET B 295 23.25 31.90 -8.09
N ARG B 296 22.42 32.81 -7.58
CA ARG B 296 21.56 32.48 -6.44
C ARG B 296 20.21 31.99 -6.91
N PHE B 297 20.06 31.70 -8.20
CA PHE B 297 18.89 30.99 -8.68
C PHE B 297 19.19 29.50 -8.71
N ALA B 298 20.33 29.10 -8.18
CA ALA B 298 20.72 27.70 -8.16
C ALA B 298 19.92 26.92 -7.13
N GLU B 299 19.76 27.52 -5.94
CA GLU B 299 19.10 26.82 -4.85
C GLU B 299 17.60 26.58 -5.08
N PRO B 300 16.77 27.54 -5.54
CA PRO B 300 15.38 27.18 -5.83
C PRO B 300 15.21 26.24 -7.01
N MET B 301 16.06 26.30 -8.02
CA MET B 301 15.95 25.34 -9.11
C MET B 301 16.33 23.94 -8.65
N ALA B 302 17.36 23.84 -7.81
CA ALA B 302 17.73 22.53 -7.27
C ALA B 302 16.67 22.00 -6.32
N MET B 303 15.92 22.89 -5.67
CA MET B 303 14.80 22.44 -4.87
C MET B 303 13.64 21.97 -5.74
N PHE B 304 13.39 22.67 -6.84
CA PHE B 304 12.25 22.32 -7.68
C PHE B 304 12.46 21.00 -8.40
N ILE B 305 13.68 20.71 -8.82
CA ILE B 305 13.91 19.42 -9.47
C ILE B 305 13.87 18.28 -8.45
N SER B 306 14.01 18.60 -7.16
CA SER B 306 13.76 17.61 -6.13
C SER B 306 12.27 17.43 -5.89
N TYR B 307 11.49 18.49 -6.06
CA TYR B 307 10.09 18.42 -5.68
C TYR B 307 9.15 18.06 -6.83
N THR B 308 9.65 17.91 -8.05
CA THR B 308 8.75 17.68 -9.19
C THR B 308 7.96 16.37 -9.09
N SER B 309 8.53 15.35 -8.44
CA SER B 309 7.81 14.10 -8.25
C SER B 309 6.66 14.28 -7.28
N VAL B 310 6.84 15.16 -6.29
CA VAL B 310 5.76 15.47 -5.36
C VAL B 310 4.70 16.33 -6.05
N VAL B 311 5.12 17.16 -7.03
CA VAL B 311 4.16 17.91 -7.83
C VAL B 311 3.24 16.99 -8.58
N GLU B 312 3.80 15.95 -9.21
CA GLU B 312 2.95 15.02 -9.95
C GLU B 312 2.02 14.24 -9.03
N LEU B 313 2.49 13.89 -7.82
CA LEU B 313 1.64 13.17 -6.88
C LEU B 313 0.51 14.04 -6.36
N ILE B 314 0.79 15.34 -6.15
CA ILE B 314 -0.25 16.27 -5.71
C ILE B 314 -1.28 16.47 -6.81
N ALA B 315 -0.83 16.53 -8.07
CA ALA B 315 -1.75 16.69 -9.19
C ALA B 315 -2.65 15.47 -9.35
N SER B 316 -2.06 14.26 -9.24
CA SER B 316 -2.86 13.05 -9.35
C SER B 316 -3.80 12.88 -8.17
N ALA B 317 -3.37 13.27 -6.97
CA ALA B 317 -4.23 13.17 -5.81
C ALA B 317 -5.42 14.12 -5.89
N LEU B 318 -5.19 15.35 -6.36
CA LEU B 318 -6.30 16.29 -6.46
C LEU B 318 -7.24 15.89 -7.60
N GLN B 319 -6.70 15.33 -8.68
CA GLN B 319 -7.57 14.82 -9.75
C GLN B 319 -8.41 13.65 -9.27
N ARG B 320 -7.81 12.76 -8.46
CA ARG B 320 -8.55 11.61 -7.98
C ARG B 320 -9.58 12.02 -6.93
N ILE B 321 -9.30 13.08 -6.17
CA ILE B 321 -10.24 13.55 -5.17
C ILE B 321 -11.44 14.22 -5.84
N GLU B 322 -11.18 15.05 -6.86
CA GLU B 322 -12.30 15.68 -7.55
C GLU B 322 -13.06 14.69 -8.42
N GLN B 323 -12.44 13.59 -8.82
CA GLN B 323 -13.20 12.54 -9.47
C GLN B 323 -14.02 11.75 -8.47
N PHE B 324 -13.50 11.60 -7.24
CA PHE B 324 -14.18 10.77 -6.26
C PHE B 324 -15.36 11.50 -5.63
N MET B 325 -15.25 12.81 -5.45
CA MET B 325 -16.35 13.53 -4.82
C MET B 325 -17.38 14.01 -5.82
N ALA B 326 -17.32 13.51 -7.04
CA ALA B 326 -18.28 13.87 -8.08
C ALA B 326 -19.39 12.85 -8.24
N ILE B 327 -19.28 11.69 -7.60
CA ILE B 327 -20.33 10.68 -7.69
C ILE B 327 -21.34 10.90 -6.57
N ALA B 328 -22.60 10.77 -6.91
CA ALA B 328 -23.71 11.20 -6.07
C ALA B 328 -24.45 9.98 -5.54
N PRO B 329 -25.14 10.12 -4.40
CA PRO B 329 -25.99 9.03 -3.93
C PRO B 329 -27.20 8.82 -4.82
N LEU B 330 -28.01 7.84 -4.42
CA LEU B 330 -29.12 7.40 -5.26
C LEU B 330 -30.22 8.45 -5.26
N PRO B 331 -30.99 8.53 -6.34
CA PRO B 331 -32.15 9.42 -6.35
C PRO B 331 -33.21 8.98 -5.36
N VAL B 332 -33.63 9.92 -4.50
CA VAL B 332 -34.60 9.64 -3.45
C VAL B 332 -35.83 10.53 -3.58
N ALA B 333 -36.80 10.07 -4.36
CA ALA B 333 -38.00 10.86 -4.62
C ALA B 333 -39.09 10.55 -3.60
N GLU B 334 -39.67 11.61 -3.03
CA GLU B 334 -40.74 11.54 -2.04
C GLU B 334 -40.31 10.73 -0.80
N GLN B 335 -39.32 11.28 -0.09
CA GLN B 335 -38.56 10.48 0.87
C GLN B 335 -39.29 10.31 2.19
N SER B 336 -40.48 10.89 2.33
CA SER B 336 -41.15 10.91 3.63
C SER B 336 -41.77 9.56 4.00
N GLU B 337 -41.90 8.65 3.05
CA GLU B 337 -42.62 7.40 3.31
C GLU B 337 -41.73 6.40 4.03
N MET B 338 -42.38 5.45 4.71
CA MET B 338 -41.73 4.26 5.28
C MET B 338 -42.84 3.25 5.51
N PRO B 339 -42.72 2.04 4.99
CA PRO B 339 -43.87 1.12 4.97
C PRO B 339 -43.99 0.28 6.22
N GLU B 340 -45.09 -0.48 6.32
CA GLU B 340 -45.34 -1.35 7.46
C GLU B 340 -46.01 -2.64 7.01
N ARG B 341 -45.78 -3.02 5.75
CA ARG B 341 -46.52 -4.08 5.08
C ARG B 341 -45.54 -4.99 4.33
N TYR B 342 -44.56 -5.54 5.06
CA TYR B 342 -43.30 -6.02 4.48
C TYR B 342 -43.46 -7.24 3.59
N ASP B 343 -44.07 -7.04 2.43
CA ASP B 343 -44.23 -8.05 1.40
C ASP B 343 -43.32 -7.66 0.24
N ILE B 344 -42.10 -8.17 0.24
CA ILE B 344 -41.07 -7.75 -0.71
C ILE B 344 -41.41 -8.26 -2.09
N ARG B 345 -41.54 -7.35 -3.05
CA ARG B 345 -41.95 -7.69 -4.39
C ARG B 345 -40.97 -7.11 -5.41
N PHE B 346 -40.65 -7.92 -6.42
CA PHE B 346 -39.75 -7.55 -7.51
C PHE B 346 -40.57 -7.65 -8.80
N ASP B 347 -40.44 -6.65 -9.67
CA ASP B 347 -41.21 -6.61 -10.91
C ASP B 347 -40.28 -6.29 -12.08
N ASN B 348 -39.86 -7.35 -12.79
CA ASN B 348 -38.98 -7.30 -13.97
C ASN B 348 -37.68 -6.57 -13.69
N VAL B 349 -36.88 -7.08 -12.78
CA VAL B 349 -35.60 -6.48 -12.46
C VAL B 349 -34.51 -7.09 -13.34
N SER B 350 -33.71 -6.24 -13.96
CA SER B 350 -32.59 -6.69 -14.79
C SER B 350 -31.42 -5.75 -14.50
N TYR B 351 -30.43 -6.25 -13.77
CA TYR B 351 -29.34 -5.43 -13.28
C TYR B 351 -28.03 -5.92 -13.89
N ARG B 352 -27.24 -4.99 -14.41
CA ARG B 352 -25.99 -5.33 -15.07
C ARG B 352 -24.85 -5.09 -14.09
N TYR B 353 -24.29 -6.20 -13.57
CA TYR B 353 -23.20 -6.14 -12.60
C TYR B 353 -21.95 -5.53 -13.23
N GLU B 354 -21.44 -6.17 -14.27
CA GLU B 354 -20.34 -5.63 -15.06
C GLU B 354 -20.71 -5.77 -16.52
N GLU B 355 -20.28 -4.81 -17.34
CA GLU B 355 -20.70 -4.76 -18.74
C GLU B 355 -20.06 -5.87 -19.56
N GLY B 356 -19.01 -6.52 -19.04
CA GLY B 356 -18.44 -7.67 -19.74
C GLY B 356 -19.37 -8.86 -19.74
N ASP B 357 -20.05 -9.11 -18.62
CA ASP B 357 -21.08 -10.15 -18.54
C ASP B 357 -22.38 -9.44 -18.19
N GLY B 358 -23.06 -8.93 -19.21
CA GLY B 358 -24.29 -8.20 -19.00
C GLY B 358 -25.44 -9.11 -18.60
N HIS B 359 -26.45 -8.48 -18.00
CA HIS B 359 -27.66 -9.14 -17.47
C HIS B 359 -27.30 -10.25 -16.48
N ALA B 360 -26.62 -9.84 -15.40
CA ALA B 360 -26.20 -10.80 -14.38
C ALA B 360 -27.38 -11.31 -13.59
N LEU B 361 -28.30 -10.42 -13.23
CA LEU B 361 -29.56 -10.80 -12.60
C LEU B 361 -30.67 -10.39 -13.58
N ASN B 362 -31.00 -11.30 -14.49
CA ASN B 362 -31.78 -10.94 -15.67
C ASN B 362 -33.24 -11.34 -15.50
N HIS B 363 -34.13 -10.34 -15.55
CA HIS B 363 -35.57 -10.51 -15.73
C HIS B 363 -36.25 -11.35 -14.65
N VAL B 364 -36.26 -10.88 -13.40
CA VAL B 364 -36.81 -11.66 -12.31
C VAL B 364 -38.13 -11.07 -11.82
N SER B 365 -38.88 -11.85 -11.05
CA SER B 365 -40.12 -11.39 -10.46
C SER B 365 -40.39 -12.21 -9.21
N LEU B 366 -40.09 -11.63 -8.05
CA LEU B 366 -40.08 -12.39 -6.80
C LEU B 366 -41.19 -11.90 -5.90
N THR B 367 -41.60 -12.76 -4.96
CA THR B 367 -42.52 -12.38 -3.90
C THR B 367 -42.08 -13.10 -2.63
N PHE B 368 -41.72 -12.35 -1.62
CA PHE B 368 -41.35 -12.93 -0.33
C PHE B 368 -42.45 -12.59 0.67
N PRO B 369 -43.40 -13.48 0.91
CA PRO B 369 -44.56 -13.13 1.73
C PRO B 369 -44.19 -12.93 3.19
N ALA B 370 -45.05 -12.19 3.88
CA ALA B 370 -44.76 -11.78 5.25
C ALA B 370 -44.91 -12.95 6.22
N ALA B 371 -44.19 -12.85 7.33
CA ALA B 371 -44.18 -13.78 8.46
C ALA B 371 -43.84 -15.21 8.05
N SER B 372 -43.04 -15.40 7.01
CA SER B 372 -42.66 -16.73 6.56
C SER B 372 -41.20 -16.71 6.13
N MET B 373 -40.69 -17.89 5.84
CA MET B 373 -39.36 -18.03 5.29
C MET B 373 -39.48 -18.36 3.80
N SER B 374 -38.73 -17.62 2.98
CA SER B 374 -38.66 -17.86 1.56
C SER B 374 -37.20 -18.07 1.19
N ALA B 375 -36.93 -19.10 0.41
CA ALA B 375 -35.56 -19.54 0.20
C ALA B 375 -35.09 -19.21 -1.22
N LEU B 376 -33.80 -19.01 -1.36
CA LEU B 376 -33.15 -18.89 -2.66
C LEU B 376 -32.09 -19.98 -2.78
N VAL B 377 -32.00 -20.61 -3.94
CA VAL B 377 -31.03 -21.67 -4.18
C VAL B 377 -30.49 -21.53 -5.60
N GLY B 378 -29.23 -21.90 -5.78
CA GLY B 378 -28.57 -21.76 -7.06
C GLY B 378 -27.21 -22.43 -7.02
N ALA B 379 -26.52 -22.38 -8.17
CA ALA B 379 -25.24 -23.04 -8.33
C ALA B 379 -24.08 -22.05 -8.43
N SER B 380 -24.27 -20.81 -7.99
CA SER B 380 -23.21 -19.81 -8.05
C SER B 380 -23.26 -18.98 -6.77
N GLY B 381 -22.10 -18.41 -6.41
CA GLY B 381 -22.06 -17.50 -5.28
C GLY B 381 -22.88 -16.26 -5.52
N ALA B 382 -22.63 -15.59 -6.64
CA ALA B 382 -23.50 -14.54 -7.13
C ALA B 382 -24.74 -15.15 -7.78
N GLY B 383 -25.55 -14.29 -8.40
CA GLY B 383 -26.86 -14.77 -8.81
C GLY B 383 -27.83 -14.51 -7.67
N LYS B 384 -27.99 -15.51 -6.82
CA LYS B 384 -28.91 -15.40 -5.69
C LYS B 384 -28.37 -14.53 -4.56
N THR B 385 -27.13 -14.05 -4.63
CA THR B 385 -26.75 -13.06 -3.63
C THR B 385 -26.83 -11.64 -4.18
N THR B 386 -26.99 -11.49 -5.50
CA THR B 386 -27.11 -10.16 -6.07
C THR B 386 -28.47 -9.55 -5.73
N VAL B 387 -29.50 -10.39 -5.60
CA VAL B 387 -30.80 -9.89 -5.15
C VAL B 387 -30.73 -9.46 -3.68
N THR B 388 -29.95 -10.17 -2.89
CA THR B 388 -29.77 -9.77 -1.50
C THR B 388 -28.87 -8.55 -1.38
N LYS B 389 -28.09 -8.27 -2.43
CA LYS B 389 -27.41 -6.97 -2.47
C LYS B 389 -28.39 -5.87 -2.84
N LEU B 390 -29.23 -6.12 -3.85
CA LEU B 390 -30.18 -5.12 -4.36
C LEU B 390 -31.20 -4.73 -3.30
N LEU B 391 -31.51 -5.62 -2.37
CA LEU B 391 -32.47 -5.28 -1.33
C LEU B 391 -31.88 -4.33 -0.31
N MET B 392 -30.55 -4.23 -0.25
CA MET B 392 -29.90 -3.28 0.66
C MET B 392 -29.59 -1.96 -0.01
N ARG B 393 -30.23 -1.67 -1.14
CA ARG B 393 -29.97 -0.48 -1.96
C ARG B 393 -28.50 -0.39 -2.38
N TYR B 394 -27.94 -1.53 -2.79
CA TYR B 394 -26.58 -1.57 -3.31
C TYR B 394 -26.50 -0.80 -4.62
N ALA B 395 -27.50 -0.99 -5.49
CA ALA B 395 -27.50 -0.34 -6.79
C ALA B 395 -28.93 -0.17 -7.25
N ASP B 396 -29.13 0.80 -8.09
CA ASP B 396 -30.43 0.96 -8.69
C ASP B 396 -30.62 -0.13 -9.74
N PRO B 397 -31.77 -0.79 -9.74
CA PRO B 397 -32.10 -1.68 -10.85
C PRO B 397 -32.23 -0.91 -12.15
N GLN B 398 -31.64 -1.47 -13.21
CA GLN B 398 -31.62 -0.78 -14.50
C GLN B 398 -33.00 -0.73 -15.15
N GLN B 399 -33.79 -1.79 -15.03
CA GLN B 399 -35.21 -1.72 -15.35
C GLN B 399 -35.96 -2.41 -14.23
N GLY B 400 -37.10 -1.86 -13.86
CA GLY B 400 -37.98 -2.50 -12.90
C GLY B 400 -37.96 -1.81 -11.55
N GLN B 401 -38.83 -2.31 -10.68
CA GLN B 401 -39.04 -1.74 -9.36
C GLN B 401 -38.84 -2.81 -8.30
N ILE B 402 -38.32 -2.40 -7.15
CA ILE B 402 -38.16 -3.26 -5.99
C ILE B 402 -38.90 -2.63 -4.83
N SER B 403 -39.65 -3.43 -4.08
CA SER B 403 -40.60 -2.83 -3.16
C SER B 403 -40.70 -3.59 -1.86
N ILE B 404 -40.62 -2.85 -0.74
CA ILE B 404 -40.97 -3.38 0.56
C ILE B 404 -42.45 -3.09 0.77
N GLY B 405 -43.32 -3.96 0.27
CA GLY B 405 -44.74 -3.71 0.33
C GLY B 405 -45.22 -2.93 -0.88
N GLY B 406 -46.16 -2.02 -0.62
CA GLY B 406 -46.66 -1.16 -1.69
C GLY B 406 -45.68 -0.04 -2.02
N VAL B 407 -44.74 0.23 -1.12
CA VAL B 407 -43.79 1.31 -1.33
C VAL B 407 -42.57 0.77 -2.05
N ASP B 408 -42.18 1.44 -3.14
CA ASP B 408 -40.93 1.08 -3.79
C ASP B 408 -39.74 1.47 -2.92
N ILE B 409 -38.61 0.81 -3.17
CA ILE B 409 -37.41 1.06 -2.40
C ILE B 409 -36.80 2.42 -2.71
N ARG B 410 -36.92 2.89 -3.94
CA ARG B 410 -36.40 4.21 -4.30
C ARG B 410 -37.11 5.37 -3.63
N ARG B 411 -38.29 5.16 -3.05
CA ARG B 411 -38.92 6.22 -2.28
C ARG B 411 -38.39 6.31 -0.86
N LEU B 412 -37.58 5.35 -0.42
CA LEU B 412 -37.07 5.40 0.94
C LEU B 412 -35.68 6.01 0.98
N THR B 413 -35.31 6.49 2.16
CA THR B 413 -33.98 7.02 2.39
C THR B 413 -32.99 5.87 2.47
N PRO B 414 -31.69 6.15 2.39
CA PRO B 414 -30.73 5.10 2.80
C PRO B 414 -30.81 4.79 4.28
N GLU B 415 -31.26 5.74 5.10
CA GLU B 415 -31.35 5.50 6.54
C GLU B 415 -32.49 4.55 6.88
N GLN B 416 -33.68 4.79 6.32
CA GLN B 416 -34.83 3.97 6.66
C GLN B 416 -34.68 2.55 6.11
N LEU B 417 -34.05 2.41 4.95
CA LEU B 417 -33.82 1.08 4.42
C LEU B 417 -32.70 0.38 5.15
N ASN B 418 -31.64 1.10 5.51
CA ASN B 418 -30.53 0.45 6.19
C ASN B 418 -30.80 0.23 7.67
N SER B 419 -31.92 0.73 8.19
CA SER B 419 -32.40 0.29 9.48
C SER B 419 -33.69 -0.52 9.39
N LEU B 420 -34.20 -0.75 8.19
CA LEU B 420 -35.41 -1.57 8.05
C LEU B 420 -35.06 -3.05 8.01
N ILE B 421 -34.00 -3.42 7.28
CA ILE B 421 -33.63 -4.81 7.11
C ILE B 421 -32.31 -5.06 7.81
N SER B 422 -31.98 -6.33 8.01
CA SER B 422 -30.75 -6.73 8.68
C SER B 422 -30.17 -7.94 7.96
N VAL B 423 -28.88 -7.87 7.64
CA VAL B 423 -28.22 -8.91 6.86
C VAL B 423 -27.25 -9.64 7.77
N VAL B 424 -27.10 -10.94 7.55
CA VAL B 424 -26.11 -11.76 8.24
C VAL B 424 -25.28 -12.50 7.19
N PHE B 425 -23.98 -12.28 7.21
CA PHE B 425 -23.11 -13.02 6.30
C PHE B 425 -21.85 -13.43 7.04
N GLN B 426 -20.88 -13.92 6.28
CA GLN B 426 -19.58 -14.29 6.84
C GLN B 426 -18.81 -13.03 7.22
N ASP B 427 -18.77 -12.74 8.51
CA ASP B 427 -18.26 -11.45 8.98
C ASP B 427 -16.76 -11.46 9.20
N VAL B 428 -16.08 -10.44 8.67
CA VAL B 428 -14.69 -10.16 9.03
C VAL B 428 -14.61 -8.75 9.62
N TRP B 429 -14.85 -8.65 10.92
CA TRP B 429 -15.03 -7.36 11.58
C TRP B 429 -14.81 -7.52 13.08
N LEU B 430 -15.47 -6.66 13.86
CA LEU B 430 -15.43 -6.38 15.31
C LEU B 430 -14.35 -5.40 15.71
N PHE B 431 -13.50 -4.96 14.77
CA PHE B 431 -12.58 -3.81 14.77
C PHE B 431 -11.80 -3.57 16.07
N ASP B 432 -11.42 -4.62 16.81
CA ASP B 432 -10.47 -4.59 17.92
C ASP B 432 -10.86 -3.66 19.06
N ASP B 433 -11.98 -3.92 19.73
CA ASP B 433 -12.38 -3.17 20.92
C ASP B 433 -13.36 -4.03 21.72
N THR B 434 -14.09 -3.38 22.63
CA THR B 434 -15.04 -4.05 23.51
C THR B 434 -16.15 -4.75 22.73
N LEU B 435 -16.54 -5.91 23.22
CA LEU B 435 -17.56 -6.69 22.52
C LEU B 435 -18.96 -6.25 22.88
N LEU B 436 -19.12 -5.50 23.97
CA LEU B 436 -20.43 -4.90 24.26
C LEU B 436 -20.80 -3.90 23.18
N ALA B 437 -19.84 -3.10 22.73
CA ALA B 437 -20.10 -2.20 21.60
C ALA B 437 -20.24 -2.98 20.29
N ASN B 438 -19.57 -4.12 20.18
CA ASN B 438 -19.65 -4.91 18.95
C ASN B 438 -21.01 -5.60 18.83
N ILE B 439 -21.69 -5.79 19.96
CA ILE B 439 -23.08 -6.19 19.89
C ILE B 439 -23.99 -4.97 19.75
N ARG B 440 -23.68 -3.87 20.44
CA ARG B 440 -24.61 -2.76 20.52
C ARG B 440 -24.46 -1.80 19.33
N ILE B 441 -23.63 -2.14 18.34
CA ILE B 441 -23.43 -1.22 17.23
C ILE B 441 -24.62 -1.24 16.28
N ALA B 442 -25.49 -2.24 16.41
CA ALA B 442 -26.68 -2.27 15.56
C ALA B 442 -27.78 -1.37 16.11
N ARG B 443 -27.72 -1.03 17.39
CA ARG B 443 -28.60 -0.07 18.06
C ARG B 443 -27.85 0.58 19.21
N PRO B 444 -27.27 1.76 19.01
CA PRO B 444 -26.67 2.47 20.14
C PRO B 444 -27.68 2.98 21.15
N GLN B 445 -28.97 2.99 20.80
CA GLN B 445 -30.05 3.30 21.73
C GLN B 445 -30.55 2.07 22.47
N ALA B 446 -29.76 1.01 22.56
CA ALA B 446 -30.11 -0.19 23.29
C ALA B 446 -29.23 -0.34 24.52
N THR B 447 -29.85 -0.63 25.65
CA THR B 447 -29.15 -0.61 26.92
C THR B 447 -28.39 -1.92 27.16
N ARG B 448 -27.90 -2.05 28.40
CA ARG B 448 -27.14 -3.23 28.78
C ARG B 448 -28.05 -4.45 28.97
N GLN B 449 -29.31 -4.21 29.31
CA GLN B 449 -30.21 -5.31 29.61
C GLN B 449 -30.72 -5.99 28.35
N GLU B 450 -30.67 -5.31 27.22
CA GLU B 450 -31.06 -5.91 25.95
C GLU B 450 -29.92 -6.62 25.24
N VAL B 451 -28.67 -6.21 25.51
CA VAL B 451 -27.53 -6.90 24.94
C VAL B 451 -27.42 -8.31 25.50
N GLU B 452 -27.61 -8.47 26.81
CA GLU B 452 -27.59 -9.81 27.40
C GLU B 452 -28.82 -10.61 26.97
N GLU B 453 -29.94 -9.95 26.70
CA GLU B 453 -31.12 -10.63 26.19
C GLU B 453 -30.87 -11.19 24.80
N ALA B 454 -30.24 -10.40 23.93
CA ALA B 454 -29.91 -10.87 22.59
C ALA B 454 -28.84 -11.94 22.61
N ALA B 455 -27.88 -11.83 23.54
CA ALA B 455 -26.83 -12.83 23.65
C ALA B 455 -27.36 -14.13 24.22
N ARG B 456 -28.40 -14.06 25.05
CA ARG B 456 -29.03 -15.28 25.54
C ARG B 456 -29.93 -15.90 24.50
N ALA B 457 -30.56 -15.07 23.66
CA ALA B 457 -31.43 -15.60 22.61
C ALA B 457 -30.66 -16.02 21.37
N ALA B 458 -29.37 -15.71 21.30
CA ALA B 458 -28.53 -16.08 20.16
C ALA B 458 -27.37 -16.99 20.55
N GLN B 459 -27.34 -17.44 21.80
CA GLN B 459 -26.46 -18.48 22.35
C GLN B 459 -24.97 -18.18 22.20
N CYS B 460 -24.56 -16.92 22.09
CA CYS B 460 -23.14 -16.61 22.19
C CYS B 460 -22.74 -16.37 23.65
N LEU B 461 -23.73 -16.43 24.55
CA LEU B 461 -23.54 -16.00 25.94
C LEU B 461 -22.62 -16.94 26.69
N GLU B 462 -22.78 -18.25 26.48
CA GLU B 462 -21.96 -19.23 27.19
C GLU B 462 -20.51 -19.17 26.72
N PHE B 463 -20.31 -18.95 25.42
CA PHE B 463 -18.94 -18.88 24.90
C PHE B 463 -18.27 -17.57 25.28
N ILE B 464 -19.06 -16.50 25.43
CA ILE B 464 -18.44 -15.22 25.77
C ILE B 464 -18.21 -15.14 27.28
N SER B 465 -18.95 -15.94 28.06
CA SER B 465 -18.65 -16.05 29.48
C SER B 465 -17.48 -17.00 29.70
N ARG B 466 -17.32 -18.01 28.84
CA ARG B 466 -16.12 -18.81 28.84
C ARG B 466 -14.90 -17.99 28.42
N LEU B 467 -15.08 -17.06 27.49
CA LEU B 467 -13.99 -16.19 27.07
C LEU B 467 -13.61 -15.27 28.22
N PRO B 468 -12.33 -14.91 28.37
CA PRO B 468 -11.91 -14.13 29.53
C PRO B 468 -12.37 -12.68 29.48
N GLN B 469 -11.90 -11.92 30.48
CA GLN B 469 -12.03 -10.45 30.63
C GLN B 469 -13.45 -10.03 31.03
N GLY B 470 -14.40 -10.98 31.07
CA GLY B 470 -15.75 -10.77 31.56
C GLY B 470 -16.56 -9.66 30.92
N TRP B 471 -16.86 -9.80 29.62
CA TRP B 471 -17.57 -8.84 28.74
C TRP B 471 -16.85 -7.52 28.48
N LEU B 472 -15.68 -7.28 29.07
CA LEU B 472 -14.86 -6.17 28.59
C LEU B 472 -14.21 -6.56 27.27
N THR B 473 -13.33 -7.58 27.30
CA THR B 473 -13.02 -8.41 26.15
C THR B 473 -12.46 -7.64 24.94
N PRO B 474 -11.21 -7.19 25.01
CA PRO B 474 -10.71 -6.26 23.99
C PRO B 474 -10.58 -6.87 22.60
N MET B 475 -10.33 -8.18 22.52
CA MET B 475 -10.14 -8.93 21.28
C MET B 475 -9.08 -8.31 20.40
N GLY B 476 -8.01 -7.81 21.02
CA GLY B 476 -7.05 -6.97 20.31
C GLY B 476 -6.11 -7.73 19.39
N GLU B 477 -6.10 -9.05 19.48
CA GLU B 477 -5.25 -9.90 18.63
C GLU B 477 -5.93 -10.05 17.26
N MET B 478 -5.93 -8.94 16.50
CA MET B 478 -6.52 -8.79 15.17
C MET B 478 -8.00 -9.15 15.09
N GLY B 479 -8.73 -9.10 16.20
CA GLY B 479 -10.14 -9.43 16.21
C GLY B 479 -10.47 -10.91 16.25
N GLY B 480 -9.55 -11.79 15.84
CA GLY B 480 -9.86 -13.20 15.76
C GLY B 480 -8.90 -14.09 16.52
N GLN B 481 -9.42 -14.71 17.58
CA GLN B 481 -8.70 -15.69 18.38
C GLN B 481 -9.68 -16.83 18.71
N LEU B 482 -10.84 -16.77 18.09
CA LEU B 482 -11.92 -17.71 18.35
C LEU B 482 -12.35 -18.29 17.02
N SER B 483 -13.25 -19.28 17.10
CA SER B 483 -13.77 -19.91 15.90
C SER B 483 -14.68 -18.95 15.15
N GLY B 484 -14.84 -19.21 13.85
CA GLY B 484 -15.74 -18.39 13.06
C GLY B 484 -17.20 -18.66 13.37
N GLY B 485 -17.48 -19.79 14.03
CA GLY B 485 -18.85 -20.13 14.34
C GLY B 485 -19.45 -19.25 15.41
N GLU B 486 -18.65 -18.88 16.40
CA GLU B 486 -19.16 -17.96 17.41
C GLU B 486 -19.06 -16.52 16.95
N ARG B 487 -18.23 -16.27 15.94
CA ARG B 487 -18.26 -14.99 15.22
C ARG B 487 -19.61 -14.84 14.54
N GLN B 488 -20.08 -15.93 13.95
CA GLN B 488 -21.41 -15.94 13.35
C GLN B 488 -22.49 -15.77 14.40
N ARG B 489 -22.28 -16.30 15.61
CA ARG B 489 -23.25 -16.09 16.67
C ARG B 489 -23.25 -14.64 17.14
N ILE B 490 -22.08 -13.99 17.13
CA ILE B 490 -21.99 -12.57 17.44
C ILE B 490 -22.76 -11.75 16.42
N SER B 491 -22.59 -12.08 15.13
CA SER B 491 -23.29 -11.34 14.09
C SER B 491 -24.80 -11.62 14.14
N ILE B 492 -25.18 -12.83 14.52
CA ILE B 492 -26.59 -13.16 14.68
C ILE B 492 -27.19 -12.37 15.84
N ALA B 493 -26.44 -12.24 16.94
CA ALA B 493 -26.92 -11.44 18.06
C ALA B 493 -26.99 -9.96 17.69
N ARG B 494 -26.08 -9.52 16.83
CA ARG B 494 -26.10 -8.13 16.37
C ARG B 494 -27.33 -7.86 15.51
N ALA B 495 -27.65 -8.77 14.60
CA ALA B 495 -28.85 -8.58 13.80
C ALA B 495 -30.12 -8.86 14.61
N LEU B 496 -29.99 -9.54 15.74
CA LEU B 496 -31.15 -9.84 16.57
C LEU B 496 -31.45 -8.68 17.49
N LEU B 497 -30.42 -7.89 17.83
CA LEU B 497 -30.63 -6.73 18.67
C LEU B 497 -31.43 -5.66 17.95
N LYS B 498 -31.04 -5.36 16.71
CA LYS B 498 -31.80 -4.46 15.87
C LYS B 498 -33.03 -5.21 15.38
N ASN B 499 -34.20 -4.84 15.89
CA ASN B 499 -35.43 -5.58 15.60
C ASN B 499 -35.92 -5.34 14.19
N ALA B 500 -35.17 -5.80 13.22
CA ALA B 500 -35.49 -5.50 11.84
C ALA B 500 -36.57 -6.45 11.35
N PRO B 501 -37.62 -5.95 10.71
CA PRO B 501 -38.68 -6.84 10.24
C PRO B 501 -38.36 -7.65 9.00
N VAL B 502 -37.24 -7.37 8.33
CA VAL B 502 -36.84 -8.20 7.19
C VAL B 502 -35.38 -8.58 7.40
N VAL B 503 -35.10 -9.88 7.43
CA VAL B 503 -33.75 -10.38 7.67
C VAL B 503 -33.27 -11.12 6.44
N ILE B 504 -32.13 -10.72 5.92
CA ILE B 504 -31.47 -11.43 4.83
C ILE B 504 -30.38 -12.29 5.45
N LEU B 505 -30.46 -13.58 5.20
CA LEU B 505 -29.44 -14.53 5.64
C LEU B 505 -28.59 -14.87 4.44
N ASP B 506 -27.27 -14.91 4.62
CA ASP B 506 -26.40 -15.45 3.58
C ASP B 506 -26.37 -16.98 3.74
N GLU B 507 -25.25 -17.59 3.42
CA GLU B 507 -25.03 -18.96 3.88
C GLU B 507 -24.38 -18.87 5.25
N PRO B 508 -25.11 -19.09 6.33
CA PRO B 508 -24.54 -18.82 7.64
C PRO B 508 -23.94 -20.03 8.30
N THR B 509 -23.84 -21.15 7.56
CA THR B 509 -23.45 -22.45 8.12
C THR B 509 -22.42 -23.08 7.19
N ALA B 510 -21.14 -22.83 7.46
CA ALA B 510 -20.08 -23.46 6.70
C ALA B 510 -18.85 -23.82 7.52
N ALA B 511 -18.88 -23.67 8.84
CA ALA B 511 -17.62 -23.69 9.59
C ALA B 511 -17.30 -25.07 10.18
N LEU B 512 -18.10 -25.55 11.12
CA LEU B 512 -17.71 -26.72 11.91
C LEU B 512 -18.89 -27.70 11.98
N ASP B 513 -18.78 -28.66 12.89
CA ASP B 513 -19.81 -29.69 13.06
C ASP B 513 -20.61 -29.54 14.33
N ILE B 514 -19.97 -29.46 15.49
CA ILE B 514 -20.70 -29.35 16.74
C ILE B 514 -20.95 -27.91 17.13
N GLU B 515 -19.88 -27.14 17.36
CA GLU B 515 -20.00 -25.83 17.98
C GLU B 515 -20.67 -24.85 17.05
N SER B 516 -20.06 -24.61 15.89
CA SER B 516 -20.59 -23.68 14.89
C SER B 516 -21.97 -24.08 14.43
N GLU B 517 -22.12 -25.32 13.97
CA GLU B 517 -23.36 -25.71 13.33
C GLU B 517 -24.51 -25.79 14.32
N LEU B 518 -24.27 -26.37 15.50
CA LEU B 518 -25.37 -26.50 16.43
C LEU B 518 -25.72 -25.18 17.10
N ALA B 519 -24.72 -24.37 17.48
CA ALA B 519 -25.01 -23.09 18.10
C ALA B 519 -25.65 -22.11 17.13
N VAL B 520 -25.15 -22.04 15.89
CA VAL B 520 -25.75 -21.16 14.91
C VAL B 520 -27.12 -21.64 14.48
N GLN B 521 -27.38 -22.95 14.46
CA GLN B 521 -28.73 -23.44 14.18
C GLN B 521 -29.69 -23.07 15.30
N LYS B 522 -29.23 -23.19 16.55
CA LYS B 522 -30.05 -22.82 17.70
C LYS B 522 -30.35 -21.32 17.70
N ALA B 523 -29.39 -20.52 17.26
CA ALA B 523 -29.58 -19.07 17.25
C ALA B 523 -30.50 -18.65 16.10
N ILE B 524 -30.34 -19.26 14.93
CA ILE B 524 -31.11 -18.83 13.77
C ILE B 524 -32.56 -19.27 13.88
N ASP B 525 -32.82 -20.46 14.45
CA ASP B 525 -34.21 -20.92 14.54
C ASP B 525 -35.01 -20.15 15.59
N ASN B 526 -34.33 -19.34 16.40
CA ASN B 526 -34.98 -18.35 17.26
C ASN B 526 -35.36 -17.10 16.46
N LEU B 527 -34.55 -16.74 15.47
CA LEU B 527 -34.67 -15.45 14.81
C LEU B 527 -35.84 -15.42 13.83
N VAL B 528 -36.20 -16.56 13.28
CA VAL B 528 -37.30 -16.60 12.33
C VAL B 528 -38.61 -16.86 13.06
N HIS B 529 -39.30 -15.78 13.44
CA HIS B 529 -40.62 -15.86 14.07
C HIS B 529 -41.37 -14.56 13.80
N ASN B 530 -42.43 -14.66 12.99
CA ASN B 530 -43.19 -13.54 12.45
C ASN B 530 -42.24 -12.55 11.78
N ARG B 531 -41.48 -13.04 10.81
CA ARG B 531 -40.40 -12.30 10.19
C ARG B 531 -40.33 -12.72 8.74
N THR B 532 -40.17 -11.77 7.82
CA THR B 532 -39.89 -12.14 6.45
C THR B 532 -38.40 -12.35 6.27
N VAL B 533 -38.00 -13.60 6.11
CA VAL B 533 -36.58 -13.93 6.11
C VAL B 533 -36.23 -14.60 4.78
N ILE B 534 -35.01 -14.36 4.34
CA ILE B 534 -34.51 -14.85 3.05
C ILE B 534 -33.26 -15.68 3.34
N ILE B 535 -33.39 -17.00 3.30
CA ILE B 535 -32.24 -17.87 3.49
C ILE B 535 -31.76 -18.28 2.11
N ILE B 536 -30.47 -18.05 1.84
CA ILE B 536 -29.93 -18.34 0.52
C ILE B 536 -28.87 -19.42 0.55
N ALA B 537 -28.85 -20.23 1.61
CA ALA B 537 -27.82 -21.27 1.73
C ALA B 537 -28.01 -22.36 0.69
N HIS B 538 -26.91 -22.99 0.28
CA HIS B 538 -26.95 -23.92 -0.84
C HIS B 538 -27.50 -25.28 -0.41
N ARG B 539 -27.41 -25.61 0.88
CA ARG B 539 -27.79 -26.92 1.36
C ARG B 539 -29.30 -27.12 1.32
N LEU B 540 -29.73 -28.05 0.47
CA LEU B 540 -31.16 -28.22 0.19
C LEU B 540 -31.95 -28.83 1.33
N SER B 541 -31.33 -29.20 2.46
CA SER B 541 -32.12 -29.66 3.60
C SER B 541 -32.75 -28.49 4.33
N THR B 542 -31.95 -27.48 4.67
CA THR B 542 -32.45 -26.28 5.32
C THR B 542 -33.40 -25.53 4.40
N ILE B 543 -33.12 -25.56 3.10
CA ILE B 543 -34.03 -25.05 2.11
C ILE B 543 -35.28 -25.92 2.02
N ALA B 544 -35.14 -27.22 2.22
CA ALA B 544 -36.29 -28.12 2.10
C ALA B 544 -37.27 -27.93 3.25
N GLY B 545 -36.75 -27.44 4.39
CA GLY B 545 -37.65 -27.13 5.50
C GLY B 545 -38.49 -25.89 5.26
N ALA B 546 -38.13 -25.08 4.26
CA ALA B 546 -38.75 -23.77 4.11
C ALA B 546 -40.14 -23.87 3.50
N GLY B 547 -40.78 -22.70 3.36
CA GLY B 547 -42.16 -22.64 2.92
C GLY B 547 -42.35 -22.11 1.52
N ASN B 548 -41.34 -21.44 0.97
CA ASN B 548 -41.37 -20.94 -0.39
C ASN B 548 -39.99 -21.06 -0.99
N ILE B 549 -39.90 -21.64 -2.18
CA ILE B 549 -38.62 -21.99 -2.78
C ILE B 549 -38.45 -21.22 -4.08
N LEU B 550 -37.34 -20.51 -4.20
CA LEU B 550 -36.96 -19.85 -5.43
C LEU B 550 -35.64 -20.44 -5.90
N VAL B 551 -35.61 -20.96 -7.11
CA VAL B 551 -34.40 -21.53 -7.68
C VAL B 551 -33.82 -20.56 -8.69
N MET B 552 -32.62 -20.09 -8.42
CA MET B 552 -31.92 -19.13 -9.28
C MET B 552 -31.01 -19.94 -10.20
N GLU B 553 -31.38 -20.01 -11.47
CA GLU B 553 -30.60 -20.76 -12.46
C GLU B 553 -30.10 -19.81 -13.52
N GLU B 554 -28.82 -19.44 -13.41
CA GLU B 554 -28.12 -18.54 -14.33
C GLU B 554 -28.83 -17.18 -14.45
N GLY B 555 -28.96 -16.49 -13.30
CA GLY B 555 -29.43 -15.13 -13.28
C GLY B 555 -30.89 -14.95 -13.63
N GLN B 556 -31.67 -16.00 -13.53
CA GLN B 556 -33.10 -15.94 -13.84
C GLN B 556 -33.80 -17.06 -13.11
N VAL B 557 -34.86 -16.74 -12.40
CA VAL B 557 -35.61 -17.77 -11.68
C VAL B 557 -36.38 -18.62 -12.69
N VAL B 558 -36.58 -19.89 -12.36
CA VAL B 558 -37.20 -20.80 -13.32
C VAL B 558 -38.44 -21.47 -12.74
N GLU B 559 -38.39 -21.88 -11.47
CA GLU B 559 -39.55 -22.53 -10.86
C GLU B 559 -39.71 -22.04 -9.43
N GLN B 560 -40.66 -21.13 -9.23
CA GLN B 560 -40.96 -20.61 -7.91
C GLN B 560 -42.18 -21.34 -7.37
N GLY B 561 -42.08 -21.85 -6.15
CA GLY B 561 -43.19 -22.56 -5.54
C GLY B 561 -42.80 -23.05 -4.18
N THR B 562 -43.64 -23.94 -3.65
CA THR B 562 -43.33 -24.62 -2.41
C THR B 562 -42.39 -25.79 -2.67
N HIS B 563 -42.19 -26.61 -1.63
CA HIS B 563 -41.27 -27.73 -1.72
C HIS B 563 -41.72 -28.80 -2.72
N ALA B 564 -43.03 -29.04 -2.82
CA ALA B 564 -43.54 -30.04 -3.76
C ALA B 564 -43.36 -29.57 -5.20
N GLN B 565 -43.33 -28.26 -5.41
CA GLN B 565 -43.07 -27.74 -6.75
C GLN B 565 -41.61 -27.94 -7.12
N LEU B 566 -40.71 -27.92 -6.13
CA LEU B 566 -39.34 -28.39 -6.38
C LEU B 566 -39.33 -29.89 -6.62
N LEU B 567 -40.24 -30.63 -6.00
CA LEU B 567 -40.31 -32.06 -6.25
C LEU B 567 -41.04 -32.40 -7.56
N SER B 568 -41.55 -31.40 -8.27
CA SER B 568 -42.21 -31.66 -9.55
C SER B 568 -41.21 -31.99 -10.65
N HIS B 569 -40.38 -31.03 -11.03
CA HIS B 569 -39.37 -31.23 -12.09
C HIS B 569 -38.22 -30.27 -11.86
N HIS B 570 -37.02 -30.82 -11.63
CA HIS B 570 -35.90 -30.07 -11.08
C HIS B 570 -34.62 -30.87 -11.33
N GLY B 571 -33.53 -30.41 -10.71
CA GLY B 571 -32.37 -31.22 -10.39
C GLY B 571 -32.57 -31.98 -9.08
N ARG B 572 -33.76 -32.59 -8.99
CA ARG B 572 -34.33 -33.10 -7.75
C ARG B 572 -33.51 -34.23 -7.15
N TYR B 573 -33.32 -35.31 -7.92
CA TYR B 573 -32.73 -36.52 -7.37
C TYR B 573 -31.25 -36.33 -7.08
N GLN B 574 -30.55 -35.57 -7.91
CA GLN B 574 -29.15 -35.28 -7.63
C GLN B 574 -29.00 -34.37 -6.41
N ALA B 575 -29.85 -33.33 -6.34
CA ALA B 575 -29.72 -32.35 -5.26
C ALA B 575 -30.11 -32.94 -3.91
N LEU B 576 -31.03 -33.89 -3.90
CA LEU B 576 -31.37 -34.60 -2.67
C LEU B 576 -30.49 -35.83 -2.43
N TRP B 577 -29.76 -36.30 -3.45
CA TRP B 577 -28.87 -37.44 -3.28
C TRP B 577 -27.51 -37.01 -2.76
N GLN B 578 -27.07 -35.79 -3.08
CA GLN B 578 -25.73 -35.35 -2.70
C GLN B 578 -25.59 -35.15 -1.20
N ALA B 579 -26.71 -34.88 -0.52
CA ALA B 579 -26.69 -34.76 0.93
C ALA B 579 -26.68 -36.13 1.60
N1 O34 C . 9.69 20.92 10.18
N2 O34 C . 8.54 18.65 9.23
N3 O34 C . 9.51 19.14 6.41
O1 O34 C . 10.43 22.00 7.78
O2 O34 C . 7.73 20.73 7.84
O3 O34 C . 11.34 19.28 8.23
O4 O34 C . 12.72 17.85 7.24
S1 O34 C . 10.08 22.10 12.43
S2 O34 C . 7.01 18.13 11.32
S3 O34 C . 8.83 17.16 4.92
C1 O34 C . 11.21 22.76 8.51
C2 O34 C . 12.10 23.65 7.85
C3 O34 C . 12.90 24.49 8.59
C4 O34 C . 12.87 24.51 9.98
C5 O34 C . 12.01 23.66 10.64
C6 O34 C . 11.21 22.77 9.92
C7 O34 C . 10.33 21.87 10.67
C8 O34 C . 9.28 20.47 12.51
C9 O34 C . 8.74 20.27 11.09
C10 O34 C . 8.57 18.80 10.70
C11 O34 C . 6.18 18.80 9.86
C12 O34 C . 7.14 18.56 8.70
C13 O34 C . 6.93 19.63 7.58
C14 O34 C . 7.09 19.07 6.14
C15 O34 C . 6.03 18.00 5.87
C16 O34 C . 6.91 20.24 5.13
C17 O34 C . 8.49 18.55 5.92
C18 O34 C . 10.58 17.19 5.42
C19 O34 C . 10.80 18.58 6.02
C20 O34 C . 11.44 19.53 4.98
C21 O34 C . 11.70 18.53 7.26
FE FE D . 9.56 20.34 8.17
#